data_5QSV
#
_entry.id   5QSV
#
_cell.length_a   66.443
_cell.length_b   71.748
_cell.length_c   118.782
_cell.angle_alpha   95.130
_cell.angle_beta   99.210
_cell.angle_gamma   115.270
#
_symmetry.space_group_name_H-M   'P 1'
#
loop_
_entity.id
_entity.type
_entity.pdbx_description
1 polymer 'Cohesin subunit SA-1'
2 non-polymer N-benzyl-1-(4-fluorophenyl)methanamine
3 water water
#
_entity_poly.entity_id   1
_entity_poly.type   'polypeptide(L)'
_entity_poly.pdbx_seq_one_letter_code
;SMGGTLFEVVKLGKSAMQSVVDDWIESYKQDRDIALLDLINFFIQCSGCRGTVRIEMFRNMQNAEIIRKMTEEFDEDSGD
YPLTMPGPQWKKFRSNFCEFIGVLIRQCQYSIIYDEYMMDTVISLLTGLSDSQVRAFRHTSTLAAMKLMTALVNVALNLS
IHQDNTQRQYEAERNKMIGKRANERLELLLQKRKELQENQDEIENMMNSIFKGIFVHRYRDAIAEIRAICIEEIGVWMKM
YSDAFLNDSYLKYVGWTLHDRQGEVRLKCLKALQSLYTNRELFPKLELFTNRFKDRIVSMTLDKEYDVAVEAIRLVTLIL
HGSEEALSNEDCENVYHLV
;
_entity_poly.pdbx_strand_id   C,A,B,D
#
# COMPACT_ATOMS: atom_id res chain seq x y z
N GLY A 4 -10.77 43.87 -26.54
CA GLY A 4 -9.94 44.95 -27.19
C GLY A 4 -8.67 44.39 -27.83
N THR A 5 -7.52 44.74 -27.24
CA THR A 5 -6.14 44.29 -27.63
C THR A 5 -6.02 42.78 -27.33
N LEU A 6 -5.07 42.05 -27.91
CA LEU A 6 -4.86 40.61 -27.59
C LEU A 6 -4.42 40.47 -26.12
N PHE A 7 -3.50 41.32 -25.65
CA PHE A 7 -3.06 41.34 -24.22
C PHE A 7 -4.27 41.47 -23.29
N GLU A 8 -5.22 42.34 -23.62
CA GLU A 8 -6.39 42.65 -22.73
C GLU A 8 -7.27 41.40 -22.65
N VAL A 9 -7.48 40.69 -23.77
CA VAL A 9 -8.38 39.50 -23.85
C VAL A 9 -7.74 38.34 -23.09
N VAL A 10 -6.47 38.04 -23.34
CA VAL A 10 -5.80 36.82 -22.79
C VAL A 10 -5.70 36.97 -21.27
N LYS A 11 -5.32 38.15 -20.79
CA LYS A 11 -5.40 38.56 -19.36
C LYS A 11 -6.86 38.94 -19.05
N LEU A 12 -7.74 37.93 -19.00
CA LEU A 12 -9.22 38.04 -18.82
C LEU A 12 -9.84 36.87 -19.59
N GLY A 13 -9.43 35.67 -19.21
CA GLY A 13 -9.84 34.42 -19.87
C GLY A 13 -11.33 34.24 -19.88
N LYS A 14 -12.09 35.25 -20.28
CA LYS A 14 -13.56 35.06 -20.32
C LYS A 14 -13.83 33.94 -21.32
N SER A 15 -14.62 32.93 -20.93
CA SER A 15 -14.92 31.82 -21.84
C SER A 15 -16.08 32.20 -22.77
N ALA A 16 -16.37 31.33 -23.74
CA ALA A 16 -17.53 31.58 -24.64
C ALA A 16 -18.78 31.63 -23.76
N MET A 17 -18.91 30.65 -22.86
CA MET A 17 -20.02 30.55 -21.88
C MET A 17 -20.17 31.89 -21.16
N GLN A 18 -19.19 32.20 -20.31
CA GLN A 18 -19.16 33.45 -19.51
C GLN A 18 -19.45 34.61 -20.45
N SER A 19 -18.84 34.59 -21.62
CA SER A 19 -19.06 35.65 -22.62
C SER A 19 -20.54 35.72 -22.98
N VAL A 20 -21.16 34.57 -23.26
CA VAL A 20 -22.55 34.56 -23.81
C VAL A 20 -23.51 34.79 -22.64
N VAL A 21 -23.14 34.38 -21.43
CA VAL A 21 -23.95 34.64 -20.20
C VAL A 21 -23.93 36.15 -19.91
N ASP A 22 -22.78 36.79 -20.12
CA ASP A 22 -22.66 38.27 -20.01
C ASP A 22 -23.53 38.96 -21.06
N ASP A 23 -23.52 38.48 -22.30
CA ASP A 23 -24.38 39.05 -23.38
C ASP A 23 -25.86 38.84 -23.03
N TRP A 24 -26.18 37.64 -22.54
CA TRP A 24 -27.57 37.28 -22.16
C TRP A 24 -28.10 38.24 -21.10
N ILE A 25 -27.26 38.56 -20.10
CA ILE A 25 -27.63 39.45 -18.97
C ILE A 25 -27.91 40.87 -19.48
N GLU A 26 -27.07 41.38 -20.39
CA GLU A 26 -27.31 42.70 -21.03
C GLU A 26 -28.67 42.66 -21.73
N SER A 27 -28.85 41.72 -22.66
CA SER A 27 -30.12 41.45 -23.41
C SER A 27 -31.32 41.29 -22.48
N TYR A 28 -31.14 40.72 -21.28
CA TYR A 28 -32.20 40.51 -20.27
C TYR A 28 -32.64 41.87 -19.75
N LYS A 29 -31.68 42.80 -19.61
CA LYS A 29 -31.87 44.14 -19.01
C LYS A 29 -32.58 45.06 -20.01
N GLN A 30 -32.28 44.95 -21.32
CA GLN A 30 -33.03 45.63 -22.42
C GLN A 30 -34.47 45.12 -22.48
N ASP A 31 -34.63 43.79 -22.47
CA ASP A 31 -35.91 43.11 -22.80
C ASP A 31 -35.89 41.71 -22.18
N ARG A 32 -36.42 41.58 -20.95
CA ARG A 32 -36.53 40.31 -20.19
C ARG A 32 -37.16 39.26 -21.10
N ASP A 33 -38.26 39.62 -21.75
CA ASP A 33 -39.08 38.68 -22.56
C ASP A 33 -38.20 37.98 -23.60
N ILE A 34 -37.59 38.72 -24.54
CA ILE A 34 -36.82 38.11 -25.66
C ILE A 34 -35.70 37.26 -25.05
N ALA A 35 -35.14 37.73 -23.92
CA ALA A 35 -34.01 37.07 -23.23
C ALA A 35 -34.48 35.70 -22.70
N LEU A 36 -35.63 35.64 -22.02
CA LEU A 36 -36.19 34.36 -21.51
C LEU A 36 -36.67 33.49 -22.68
N LEU A 37 -37.24 34.09 -23.72
CA LEU A 37 -37.58 33.34 -24.95
C LEU A 37 -36.31 32.62 -25.41
N ASP A 38 -35.17 33.31 -25.47
CA ASP A 38 -33.90 32.70 -25.92
C ASP A 38 -33.43 31.63 -24.94
N LEU A 39 -33.71 31.81 -23.64
CA LEU A 39 -33.29 30.84 -22.61
C LEU A 39 -34.20 29.63 -22.69
N ILE A 40 -35.49 29.84 -22.97
CA ILE A 40 -36.47 28.74 -23.17
C ILE A 40 -36.01 27.94 -24.40
N ASN A 41 -35.91 28.55 -25.58
CA ASN A 41 -35.47 27.88 -26.84
C ASN A 41 -34.19 27.07 -26.57
N PHE A 42 -33.20 27.65 -25.91
CA PHE A 42 -31.93 26.96 -25.53
C PHE A 42 -32.23 25.63 -24.83
N PHE A 43 -33.17 25.59 -23.90
CA PHE A 43 -33.51 24.31 -23.21
C PHE A 43 -34.17 23.38 -24.22
N ILE A 44 -35.11 23.91 -25.01
CA ILE A 44 -35.74 23.15 -26.13
C ILE A 44 -34.62 22.54 -27.01
N GLN A 45 -33.63 23.32 -27.44
CA GLN A 45 -32.61 22.89 -28.42
C GLN A 45 -31.59 21.92 -27.77
N CYS A 46 -31.36 22.00 -26.46
CA CYS A 46 -30.43 21.07 -25.78
C CYS A 46 -31.04 19.67 -25.71
N SER A 47 -32.37 19.55 -25.85
CA SER A 47 -33.12 18.27 -25.90
C SER A 47 -33.01 17.65 -27.31
N GLY A 48 -32.46 18.39 -28.27
CA GLY A 48 -32.48 17.99 -29.69
C GLY A 48 -33.79 18.37 -30.35
N CYS A 49 -34.77 18.91 -29.60
CA CYS A 49 -36.07 19.36 -30.16
C CYS A 49 -35.83 20.42 -31.23
N ARG A 50 -36.45 20.24 -32.39
CA ARG A 50 -36.16 20.99 -33.64
C ARG A 50 -37.01 22.26 -33.70
N GLY A 51 -38.06 22.37 -32.88
CA GLY A 51 -38.90 23.57 -32.82
C GLY A 51 -38.17 24.73 -32.14
N THR A 52 -38.65 25.96 -32.34
CA THR A 52 -38.30 27.13 -31.48
C THR A 52 -39.55 27.97 -31.27
N VAL A 53 -39.79 28.31 -30.00
CA VAL A 53 -40.88 29.19 -29.49
C VAL A 53 -40.65 30.61 -30.04
N ARG A 54 -41.74 31.30 -30.42
CA ARG A 54 -41.73 32.74 -30.84
C ARG A 54 -42.31 33.58 -29.70
N ILE A 55 -42.18 34.92 -29.73
CA ILE A 55 -42.60 35.80 -28.59
C ILE A 55 -44.12 35.67 -28.35
N GLU A 56 -44.94 35.67 -29.42
CA GLU A 56 -46.42 35.60 -29.29
C GLU A 56 -46.77 34.35 -28.49
N MET A 57 -46.26 33.17 -28.87
CA MET A 57 -46.39 31.93 -28.06
C MET A 57 -46.00 32.25 -26.63
N PHE A 58 -44.76 32.70 -26.41
CA PHE A 58 -44.20 32.98 -25.05
C PHE A 58 -45.18 33.83 -24.26
N ARG A 59 -45.68 34.91 -24.89
CA ARG A 59 -46.46 35.99 -24.23
C ARG A 59 -47.88 35.51 -23.91
N ASN A 60 -48.39 34.53 -24.66
CA ASN A 60 -49.83 34.16 -24.70
C ASN A 60 -50.09 32.69 -24.35
N MET A 61 -49.04 31.90 -24.10
CA MET A 61 -49.18 30.44 -23.88
C MET A 61 -48.58 30.07 -22.52
N GLN A 62 -49.23 29.14 -21.81
CA GLN A 62 -48.73 28.45 -20.60
C GLN A 62 -47.63 27.48 -21.03
N ASN A 63 -46.68 27.17 -20.14
CA ASN A 63 -45.54 26.24 -20.45
C ASN A 63 -46.09 24.92 -20.98
N ALA A 64 -47.19 24.41 -20.41
CA ALA A 64 -47.82 23.13 -20.81
C ALA A 64 -48.12 23.15 -22.32
N GLU A 65 -48.72 24.24 -22.78
CA GLU A 65 -49.08 24.47 -24.20
C GLU A 65 -47.79 24.48 -25.03
N ILE A 66 -46.89 25.41 -24.72
CA ILE A 66 -45.55 25.50 -25.39
C ILE A 66 -45.00 24.08 -25.47
N ILE A 67 -45.08 23.30 -24.38
CA ILE A 67 -44.35 22.01 -24.29
C ILE A 67 -45.05 21.02 -25.23
N ARG A 68 -46.39 20.98 -25.17
CA ARG A 68 -47.26 20.13 -26.03
C ARG A 68 -46.94 20.38 -27.51
N LYS A 69 -46.78 21.65 -27.91
CA LYS A 69 -46.49 22.04 -29.32
C LYS A 69 -45.09 21.57 -29.70
N MET A 70 -44.05 21.86 -28.90
CA MET A 70 -42.64 21.48 -29.20
C MET A 70 -42.49 19.95 -29.16
N THR A 71 -43.38 19.24 -28.46
CA THR A 71 -43.44 17.74 -28.36
C THR A 71 -43.66 17.09 -29.75
N GLU A 72 -44.55 17.67 -30.55
CA GLU A 72 -44.98 17.15 -31.88
C GLU A 72 -43.85 17.37 -32.91
N GLU A 73 -42.91 18.28 -32.63
CA GLU A 73 -41.78 18.61 -33.54
C GLU A 73 -40.52 17.83 -33.15
N PHE A 74 -40.66 16.53 -32.86
CA PHE A 74 -39.52 15.64 -32.49
C PHE A 74 -39.25 14.60 -33.58
N ASP A 75 -38.13 14.78 -34.29
CA ASP A 75 -37.50 13.80 -35.22
C ASP A 75 -37.44 12.42 -34.53
N ASP A 80 -32.46 9.87 -30.00
CA ASP A 80 -31.03 10.29 -29.89
C ASP A 80 -30.96 11.83 -29.80
N TYR A 81 -30.67 12.36 -28.60
CA TYR A 81 -30.65 13.81 -28.24
C TYR A 81 -29.27 14.18 -27.73
N PRO A 82 -28.88 15.47 -27.65
CA PRO A 82 -27.49 15.84 -27.41
C PRO A 82 -26.83 15.11 -26.22
N LEU A 83 -27.57 14.79 -25.17
CA LEU A 83 -26.97 14.22 -23.93
C LEU A 83 -26.57 12.74 -24.13
N THR A 84 -27.04 12.06 -25.19
CA THR A 84 -26.81 10.61 -25.45
C THR A 84 -25.86 10.38 -26.65
N MET A 85 -25.90 11.26 -27.65
CA MET A 85 -24.95 11.21 -28.80
C MET A 85 -23.57 10.75 -28.34
N PRO A 86 -22.91 9.84 -29.10
CA PRO A 86 -21.46 9.73 -29.10
C PRO A 86 -20.92 10.59 -30.27
N GLY A 87 -19.60 10.77 -30.32
CA GLY A 87 -18.89 11.56 -31.36
C GLY A 87 -17.94 12.56 -30.71
N PRO A 88 -16.92 13.08 -31.43
CA PRO A 88 -16.13 14.20 -30.92
C PRO A 88 -16.99 15.46 -30.68
N GLN A 89 -17.83 15.79 -31.67
CA GLN A 89 -18.68 17.03 -31.70
C GLN A 89 -19.88 16.94 -30.72
N TRP A 90 -19.80 16.11 -29.67
CA TRP A 90 -20.76 16.06 -28.52
C TRP A 90 -20.08 15.50 -27.27
N LYS A 91 -18.84 15.01 -27.36
CA LYS A 91 -18.03 14.61 -26.19
C LYS A 91 -18.27 15.58 -25.02
N LYS A 92 -17.97 16.88 -25.23
CA LYS A 92 -17.82 17.90 -24.15
C LYS A 92 -19.18 18.55 -23.81
N PHE A 93 -20.29 18.12 -24.44
CA PHE A 93 -21.60 18.81 -24.36
C PHE A 93 -22.12 18.80 -22.94
N ARG A 94 -22.28 17.62 -22.37
CA ARG A 94 -22.80 17.47 -20.99
C ARG A 94 -22.00 18.39 -20.06
N SER A 95 -20.68 18.23 -20.01
CA SER A 95 -19.78 19.09 -19.21
C SER A 95 -20.16 20.57 -19.42
N ASN A 96 -20.52 20.95 -20.65
CA ASN A 96 -20.71 22.37 -21.06
C ASN A 96 -22.09 22.87 -20.66
N PHE A 97 -23.12 22.11 -21.01
CA PHE A 97 -24.51 22.31 -20.53
C PHE A 97 -24.50 22.56 -19.02
N CYS A 98 -23.84 21.67 -18.28
CA CYS A 98 -23.74 21.75 -16.80
C CYS A 98 -23.05 23.06 -16.36
N GLU A 99 -21.97 23.46 -17.02
CA GLU A 99 -21.17 24.66 -16.67
C GLU A 99 -21.99 25.91 -16.98
N PHE A 100 -22.67 25.94 -18.11
CA PHE A 100 -23.52 27.08 -18.53
C PHE A 100 -24.51 27.42 -17.43
N ILE A 101 -25.14 26.42 -16.85
CA ILE A 101 -26.17 26.64 -15.81
C ILE A 101 -25.51 27.21 -14.53
N GLY A 102 -24.31 26.76 -14.20
CA GLY A 102 -23.54 27.35 -13.09
C GLY A 102 -23.06 28.75 -13.38
N VAL A 103 -22.61 29.03 -14.60
CA VAL A 103 -22.14 30.40 -14.98
C VAL A 103 -23.36 31.32 -15.00
N LEU A 104 -24.44 30.92 -15.71
CA LEU A 104 -25.68 31.72 -15.81
C LEU A 104 -26.09 32.18 -14.41
N ILE A 105 -26.20 31.27 -13.44
CA ILE A 105 -26.73 31.63 -12.10
C ILE A 105 -25.66 32.41 -11.33
N ARG A 106 -24.42 31.93 -11.30
CA ARG A 106 -23.34 32.62 -10.53
C ARG A 106 -23.52 34.11 -10.87
N GLN A 107 -23.71 34.45 -12.15
CA GLN A 107 -23.70 35.85 -12.68
C GLN A 107 -25.00 36.59 -12.37
N CYS A 108 -26.11 35.86 -12.23
CA CYS A 108 -27.45 36.44 -11.98
C CYS A 108 -27.72 36.54 -10.47
N GLN A 109 -26.73 36.26 -9.62
CA GLN A 109 -26.99 35.83 -8.21
C GLN A 109 -27.23 37.04 -7.28
N TYR A 110 -26.85 38.25 -7.69
CA TYR A 110 -26.98 39.48 -6.86
C TYR A 110 -28.26 40.24 -7.22
N SER A 111 -28.62 40.38 -8.49
CA SER A 111 -29.85 41.09 -8.92
C SER A 111 -30.88 40.08 -9.45
N ILE A 112 -30.74 39.64 -10.71
CA ILE A 112 -31.79 39.00 -11.55
C ILE A 112 -32.44 37.78 -10.85
N ILE A 113 -31.64 36.95 -10.16
CA ILE A 113 -32.10 35.71 -9.45
C ILE A 113 -33.34 36.03 -8.59
N TYR A 114 -33.35 37.23 -7.98
CA TYR A 114 -34.30 37.71 -6.94
C TYR A 114 -35.45 38.52 -7.55
N ASP A 115 -35.36 38.87 -8.83
CA ASP A 115 -36.53 39.35 -9.59
C ASP A 115 -37.54 38.19 -9.47
N GLU A 116 -38.80 38.38 -9.82
CA GLU A 116 -39.80 37.32 -9.55
C GLU A 116 -40.17 36.65 -10.87
N TYR A 117 -39.39 36.90 -11.92
CA TYR A 117 -39.74 36.55 -13.32
C TYR A 117 -38.75 35.51 -13.93
N MET A 118 -37.44 35.71 -13.81
CA MET A 118 -36.42 34.88 -14.52
C MET A 118 -36.46 33.45 -13.97
N MET A 119 -36.19 33.27 -12.68
CA MET A 119 -36.08 31.93 -12.05
C MET A 119 -37.42 31.20 -12.13
N ASP A 120 -38.53 31.94 -12.13
CA ASP A 120 -39.89 31.34 -12.14
C ASP A 120 -40.19 30.75 -13.53
N THR A 121 -39.92 31.49 -14.59
CA THR A 121 -40.02 31.05 -16.00
C THR A 121 -39.24 29.74 -16.16
N VAL A 122 -37.96 29.78 -15.78
CA VAL A 122 -37.00 28.67 -15.99
C VAL A 122 -37.55 27.45 -15.24
N ILE A 123 -37.73 27.56 -13.93
CA ILE A 123 -38.09 26.38 -13.08
C ILE A 123 -39.43 25.79 -13.53
N SER A 124 -40.41 26.62 -13.92
CA SER A 124 -41.74 26.13 -14.40
C SER A 124 -41.53 25.32 -15.68
N LEU A 125 -40.58 25.75 -16.51
CA LEU A 125 -40.29 25.11 -17.82
C LEU A 125 -39.55 23.80 -17.56
N LEU A 126 -38.66 23.78 -16.57
CA LEU A 126 -37.86 22.57 -16.24
C LEU A 126 -38.78 21.54 -15.59
N THR A 127 -39.66 21.97 -14.69
CA THR A 127 -40.70 21.09 -14.14
C THR A 127 -41.55 20.54 -15.30
N GLY A 128 -41.98 21.42 -16.19
CA GLY A 128 -42.82 21.06 -17.35
C GLY A 128 -42.18 19.96 -18.19
N LEU A 129 -40.89 20.07 -18.50
CA LEU A 129 -40.20 19.11 -19.40
C LEU A 129 -39.91 17.82 -18.63
N SER A 130 -39.80 17.89 -17.30
CA SER A 130 -39.46 16.70 -16.45
C SER A 130 -40.71 15.86 -16.21
N ASP A 131 -41.90 16.31 -16.64
CA ASP A 131 -43.12 15.48 -16.70
C ASP A 131 -43.27 14.84 -18.09
N SER A 132 -42.59 15.35 -19.11
CA SER A 132 -42.81 14.97 -20.54
C SER A 132 -42.48 13.47 -20.75
N GLN A 133 -43.33 12.80 -21.52
CA GLN A 133 -43.14 11.40 -21.98
C GLN A 133 -41.86 11.28 -22.83
N VAL A 134 -41.35 12.37 -23.41
CA VAL A 134 -40.08 12.32 -24.21
C VAL A 134 -38.89 12.23 -23.26
N ARG A 135 -38.15 11.12 -23.34
CA ARG A 135 -36.87 10.86 -22.64
C ARG A 135 -35.94 12.07 -22.80
N ALA A 136 -35.70 12.48 -24.04
CA ALA A 136 -34.85 13.65 -24.38
C ALA A 136 -35.18 14.84 -23.46
N PHE A 137 -36.48 15.10 -23.25
CA PHE A 137 -36.97 16.22 -22.42
C PHE A 137 -36.70 15.92 -20.94
N ARG A 138 -37.19 14.79 -20.44
CA ARG A 138 -36.99 14.40 -19.02
C ARG A 138 -35.48 14.42 -18.69
N HIS A 139 -34.62 13.76 -19.46
CA HIS A 139 -33.16 13.68 -19.16
C HIS A 139 -32.54 15.09 -19.16
N THR A 140 -32.80 15.89 -20.21
CA THR A 140 -32.21 17.24 -20.37
C THR A 140 -32.69 18.17 -19.25
N SER A 141 -34.00 18.28 -19.02
CA SER A 141 -34.57 19.17 -17.99
C SER A 141 -34.03 18.76 -16.62
N THR A 142 -34.05 17.47 -16.30
CA THR A 142 -33.71 16.99 -14.92
C THR A 142 -32.22 17.28 -14.68
N LEU A 143 -31.33 16.96 -15.62
CA LEU A 143 -29.91 17.29 -15.43
C LEU A 143 -29.81 18.80 -15.17
N ALA A 144 -30.58 19.62 -15.90
CA ALA A 144 -30.59 21.09 -15.77
C ALA A 144 -31.08 21.48 -14.38
N ALA A 145 -32.23 20.94 -13.96
CA ALA A 145 -32.82 21.21 -12.63
C ALA A 145 -31.79 20.83 -11.55
N MET A 146 -31.17 19.66 -11.65
CA MET A 146 -30.18 19.19 -10.64
C MET A 146 -29.00 20.16 -10.57
N LYS A 147 -28.44 20.59 -11.70
CA LYS A 147 -27.30 21.57 -11.69
C LYS A 147 -27.81 22.93 -11.21
N LEU A 148 -29.08 23.23 -11.48
CA LEU A 148 -29.69 24.49 -11.01
C LEU A 148 -29.70 24.46 -9.48
N MET A 149 -30.29 23.43 -8.89
CA MET A 149 -30.38 23.32 -7.41
C MET A 149 -29.00 23.62 -6.83
N THR A 150 -27.94 23.02 -7.38
CA THR A 150 -26.57 23.17 -6.86
C THR A 150 -26.10 24.63 -7.04
N ALA A 151 -26.40 25.26 -8.17
CA ALA A 151 -26.03 26.68 -8.40
C ALA A 151 -26.62 27.52 -7.26
N LEU A 152 -27.91 27.32 -6.97
CA LEU A 152 -28.67 27.97 -5.86
C LEU A 152 -28.05 27.65 -4.49
N VAL A 153 -27.79 26.38 -4.18
CA VAL A 153 -27.06 26.05 -2.92
C VAL A 153 -25.76 26.86 -2.83
N ASN A 154 -25.06 27.13 -3.93
CA ASN A 154 -23.83 27.97 -3.88
C ASN A 154 -24.25 29.39 -3.53
N VAL A 155 -25.28 29.93 -4.20
CA VAL A 155 -25.84 31.27 -3.87
C VAL A 155 -26.11 31.35 -2.36
N ALA A 156 -26.82 30.38 -1.80
CA ALA A 156 -27.11 30.27 -0.34
C ALA A 156 -25.79 30.28 0.46
N LEU A 157 -24.77 29.52 0.07
CA LEU A 157 -23.49 29.51 0.84
C LEU A 157 -22.83 30.90 0.81
N ASN A 158 -22.90 31.61 -0.31
CA ASN A 158 -22.32 32.97 -0.39
C ASN A 158 -23.13 33.90 0.52
N LEU A 159 -24.47 33.80 0.49
CA LEU A 159 -25.37 34.62 1.36
C LEU A 159 -25.00 34.40 2.83
N SER A 160 -24.95 33.14 3.28
CA SER A 160 -24.53 32.76 4.65
C SER A 160 -23.31 33.60 5.05
N ILE A 161 -22.26 33.61 4.21
CA ILE A 161 -20.99 34.35 4.53
C ILE A 161 -21.32 35.84 4.73
N HIS A 162 -22.19 36.42 3.89
CA HIS A 162 -22.59 37.86 3.99
C HIS A 162 -23.48 38.05 5.22
N GLN A 163 -24.35 37.08 5.51
CA GLN A 163 -25.24 37.10 6.70
C GLN A 163 -24.41 37.11 7.99
N ASP A 164 -23.24 36.44 8.01
CA ASP A 164 -22.30 36.36 9.17
C ASP A 164 -21.56 37.68 9.34
N ASN A 165 -21.05 38.26 8.26
CA ASN A 165 -20.34 39.56 8.28
C ASN A 165 -21.35 40.64 8.73
N THR A 166 -22.59 40.56 8.24
CA THR A 166 -23.69 41.53 8.53
C THR A 166 -24.18 41.31 9.97
N GLN A 167 -23.99 40.11 10.54
CA GLN A 167 -24.44 39.77 11.92
C GLN A 167 -23.36 40.20 12.90
N ARG A 168 -22.11 39.79 12.67
CA ARG A 168 -20.91 40.27 13.43
C ARG A 168 -20.93 41.79 13.49
N GLN A 169 -21.24 42.43 12.37
CA GLN A 169 -21.19 43.91 12.18
C GLN A 169 -22.34 44.57 12.96
N TYR A 170 -23.54 43.97 12.94
CA TYR A 170 -24.72 44.49 13.68
C TYR A 170 -24.50 44.37 15.20
N GLU A 171 -23.55 43.53 15.64
CA GLU A 171 -23.30 43.20 17.06
C GLU A 171 -22.33 44.22 17.67
N ALA A 172 -21.31 44.62 16.91
CA ALA A 172 -20.29 45.64 17.29
C ALA A 172 -20.86 47.04 17.07
N GLU A 173 -22.16 47.14 16.81
CA GLU A 173 -22.94 48.41 16.75
C GLU A 173 -24.04 48.38 17.83
N ARG A 174 -24.78 47.26 17.95
CA ARG A 174 -25.86 47.08 18.95
C ARG A 174 -25.26 47.30 20.35
N ASN A 175 -24.12 46.66 20.61
CA ASN A 175 -23.33 46.77 21.86
C ASN A 175 -22.76 48.19 22.01
N LYS A 176 -22.25 48.80 20.94
CA LYS A 176 -21.58 50.13 20.99
C LYS A 176 -22.58 51.20 21.42
N MET A 177 -23.87 51.05 21.11
CA MET A 177 -24.95 51.99 21.54
C MET A 177 -25.39 51.59 22.96
N ILE A 178 -26.48 50.81 23.09
CA ILE A 178 -27.05 50.35 24.40
C ILE A 178 -27.24 51.57 25.32
N GLY A 179 -28.49 52.03 25.45
CA GLY A 179 -28.87 53.30 26.13
C GLY A 179 -29.12 54.41 25.13
N LYS A 180 -28.52 54.33 23.95
CA LYS A 180 -28.48 55.43 22.94
C LYS A 180 -29.52 55.16 21.87
N ARG A 181 -30.12 56.23 21.33
CA ARG A 181 -31.12 56.16 20.21
C ARG A 181 -30.47 55.37 19.05
N ALA A 182 -31.16 54.33 18.55
CA ALA A 182 -30.76 53.52 17.37
C ALA A 182 -30.40 54.45 16.21
N ASN A 183 -29.13 54.48 15.79
CA ASN A 183 -28.57 55.48 14.84
C ASN A 183 -28.82 55.05 13.39
N GLU A 184 -28.08 55.58 12.42
CA GLU A 184 -28.30 55.29 10.98
C GLU A 184 -27.67 53.93 10.67
N ARG A 185 -26.44 53.68 11.14
CA ARG A 185 -25.69 52.40 10.91
C ARG A 185 -26.53 51.24 11.43
N LEU A 186 -27.19 51.39 12.58
CA LEU A 186 -27.90 50.30 13.29
C LEU A 186 -29.26 50.04 12.60
N GLU A 187 -29.72 50.95 11.74
CA GLU A 187 -31.00 50.81 10.97
C GLU A 187 -30.71 50.22 9.59
N LEU A 188 -29.56 50.56 8.99
CA LEU A 188 -29.05 49.99 7.71
C LEU A 188 -28.72 48.51 7.92
N LEU A 189 -27.85 48.21 8.90
CA LEU A 189 -27.42 46.83 9.27
C LEU A 189 -28.64 45.98 9.64
N LEU A 190 -29.57 46.52 10.42
CA LEU A 190 -30.79 45.78 10.83
C LEU A 190 -31.67 45.55 9.59
N GLN A 191 -31.53 46.39 8.56
CA GLN A 191 -32.20 46.22 7.24
C GLN A 191 -31.41 45.21 6.40
N LYS A 192 -30.11 45.47 6.15
CA LYS A 192 -29.17 44.53 5.46
C LYS A 192 -29.49 43.10 5.88
N ARG A 193 -29.47 42.86 7.20
CA ARG A 193 -29.72 41.54 7.85
C ARG A 193 -31.09 40.99 7.44
N LYS A 194 -32.11 41.84 7.41
CA LYS A 194 -33.47 41.46 6.95
C LYS A 194 -33.42 41.09 5.47
N GLU A 195 -32.73 41.89 4.65
CA GLU A 195 -32.66 41.65 3.18
C GLU A 195 -32.03 40.27 2.97
N LEU A 196 -30.80 40.11 3.45
CA LEU A 196 -30.02 38.85 3.36
C LEU A 196 -30.87 37.65 3.77
N GLN A 197 -31.70 37.78 4.80
CA GLN A 197 -32.56 36.64 5.25
C GLN A 197 -33.70 36.44 4.25
N GLU A 198 -34.20 37.50 3.63
CA GLU A 198 -35.35 37.42 2.69
C GLU A 198 -34.83 36.85 1.37
N ASN A 199 -33.66 37.34 0.95
CA ASN A 199 -32.84 36.74 -0.13
C ASN A 199 -32.73 35.23 0.10
N GLN A 200 -32.33 34.81 1.29
CA GLN A 200 -32.14 33.37 1.57
C GLN A 200 -33.46 32.62 1.42
N ASP A 201 -34.57 33.17 1.92
CA ASP A 201 -35.94 32.57 1.86
C ASP A 201 -36.29 32.28 0.40
N GLU A 202 -36.00 33.26 -0.47
CA GLU A 202 -36.24 33.24 -1.93
C GLU A 202 -35.50 32.04 -2.52
N ILE A 203 -34.20 31.91 -2.23
CA ILE A 203 -33.38 30.76 -2.67
C ILE A 203 -34.07 29.48 -2.19
N GLU A 204 -34.26 29.33 -0.87
CA GLU A 204 -34.90 28.16 -0.23
C GLU A 204 -36.23 27.87 -0.93
N ASN A 205 -36.94 28.91 -1.36
CA ASN A 205 -38.24 28.73 -2.03
C ASN A 205 -37.97 27.99 -3.34
N MET A 206 -37.04 28.52 -4.16
CA MET A 206 -36.67 27.98 -5.49
C MET A 206 -36.18 26.54 -5.30
N MET A 207 -35.34 26.30 -4.29
CA MET A 207 -34.87 24.94 -3.92
C MET A 207 -36.07 24.02 -3.71
N ASN A 208 -37.09 24.43 -2.96
CA ASN A 208 -38.34 23.65 -2.72
C ASN A 208 -39.05 23.32 -4.05
N SER A 209 -39.32 24.31 -4.90
CA SER A 209 -40.04 24.10 -6.18
C SER A 209 -39.28 23.04 -6.97
N ILE A 210 -37.95 23.19 -7.08
CA ILE A 210 -37.07 22.23 -7.81
C ILE A 210 -37.12 20.85 -7.14
N PHE A 211 -37.07 20.79 -5.81
CA PHE A 211 -37.02 19.50 -5.06
C PHE A 211 -38.36 18.77 -5.19
N LYS A 212 -39.45 19.38 -4.72
CA LYS A 212 -40.85 18.85 -4.77
C LYS A 212 -41.32 18.65 -6.23
N GLY A 213 -41.00 19.59 -7.12
CA GLY A 213 -41.51 19.58 -8.51
C GLY A 213 -40.80 18.56 -9.38
N ILE A 214 -39.47 18.48 -9.26
CA ILE A 214 -38.60 17.65 -10.14
C ILE A 214 -38.00 16.48 -9.33
N PHE A 215 -37.24 16.71 -8.26
CA PHE A 215 -36.41 15.63 -7.65
C PHE A 215 -37.27 14.45 -7.17
N VAL A 216 -38.32 14.69 -6.38
CA VAL A 216 -39.10 13.58 -5.73
C VAL A 216 -39.76 12.68 -6.79
N HIS A 217 -39.98 13.17 -8.01
CA HIS A 217 -40.56 12.37 -9.12
C HIS A 217 -39.45 11.73 -9.97
N ARG A 218 -38.36 12.45 -10.25
CA ARG A 218 -37.34 11.96 -11.21
C ARG A 218 -36.51 10.84 -10.57
N TYR A 219 -36.27 10.86 -9.27
CA TYR A 219 -35.24 9.94 -8.68
C TYR A 219 -35.71 8.50 -8.86
N ARG A 220 -37.02 8.29 -9.07
CA ARG A 220 -37.67 6.99 -9.36
C ARG A 220 -37.97 6.86 -10.86
N ASP A 221 -37.43 7.74 -11.70
CA ASP A 221 -37.66 7.74 -13.18
C ASP A 221 -37.41 6.33 -13.70
N ALA A 222 -38.14 5.93 -14.74
CA ALA A 222 -37.95 4.62 -15.43
C ALA A 222 -36.53 4.53 -15.99
N ILE A 223 -36.02 5.58 -16.62
CA ILE A 223 -34.63 5.61 -17.18
C ILE A 223 -33.67 5.61 -15.99
N ALA A 224 -32.68 4.73 -15.98
CA ALA A 224 -31.75 4.61 -14.84
C ALA A 224 -30.86 5.86 -14.79
N GLU A 225 -30.41 6.34 -15.95
CA GLU A 225 -29.49 7.49 -16.01
C GLU A 225 -30.10 8.67 -15.26
N ILE A 226 -31.42 8.85 -15.38
CA ILE A 226 -32.14 9.99 -14.72
C ILE A 226 -32.11 9.79 -13.19
N ARG A 227 -32.36 8.57 -12.71
CA ARG A 227 -32.36 8.23 -11.25
C ARG A 227 -30.95 8.49 -10.71
N ALA A 228 -29.93 8.26 -11.54
CA ALA A 228 -28.50 8.39 -11.20
C ALA A 228 -28.13 9.87 -11.10
N ILE A 229 -28.67 10.68 -12.01
CA ILE A 229 -28.44 12.16 -12.06
C ILE A 229 -28.97 12.75 -10.75
N CYS A 230 -30.15 12.33 -10.31
CA CYS A 230 -30.82 12.80 -9.07
C CYS A 230 -29.97 12.42 -7.84
N ILE A 231 -29.79 11.13 -7.60
CA ILE A 231 -29.03 10.61 -6.44
C ILE A 231 -27.67 11.34 -6.36
N GLU A 232 -26.89 11.35 -7.43
CA GLU A 232 -25.52 11.93 -7.38
C GLU A 232 -25.63 13.33 -6.78
N GLU A 233 -26.70 14.05 -7.11
CA GLU A 233 -26.79 15.52 -6.85
C GLU A 233 -27.31 15.76 -5.44
N ILE A 234 -28.35 15.05 -5.01
CA ILE A 234 -28.80 15.14 -3.59
C ILE A 234 -27.61 14.84 -2.67
N GLY A 235 -26.66 14.00 -3.11
CA GLY A 235 -25.39 13.73 -2.41
C GLY A 235 -24.56 15.00 -2.34
N VAL A 236 -24.56 15.76 -3.42
CA VAL A 236 -23.75 16.99 -3.46
C VAL A 236 -24.38 17.99 -2.50
N TRP A 237 -25.72 18.12 -2.50
CA TRP A 237 -26.45 19.08 -1.63
C TRP A 237 -26.12 18.70 -0.18
N MET A 238 -26.35 17.44 0.20
CA MET A 238 -26.13 16.98 1.60
C MET A 238 -24.70 17.31 2.07
N LYS A 239 -23.66 17.19 1.22
CA LYS A 239 -22.26 17.48 1.65
C LYS A 239 -22.10 18.99 1.78
N MET A 240 -22.45 19.77 0.75
CA MET A 240 -22.27 21.26 0.64
C MET A 240 -23.01 21.99 1.76
N TYR A 241 -24.27 21.63 2.03
CA TYR A 241 -25.28 22.39 2.81
C TYR A 241 -26.00 21.42 3.76
N SER A 242 -25.25 20.95 4.76
CA SER A 242 -25.62 19.83 5.65
C SER A 242 -26.94 20.12 6.39
N ASP A 243 -27.12 21.35 6.85
CA ASP A 243 -28.19 21.72 7.83
C ASP A 243 -29.55 21.71 7.12
N ALA A 244 -29.57 22.07 5.85
CA ALA A 244 -30.78 22.10 5.01
C ALA A 244 -31.08 20.67 4.56
N PHE A 245 -30.03 19.96 4.14
CA PHE A 245 -30.16 18.81 3.20
C PHE A 245 -29.85 17.47 3.87
N LEU A 246 -29.09 17.46 4.97
CA LEU A 246 -28.67 16.21 5.67
C LEU A 246 -29.60 15.94 6.85
N ASN A 247 -30.66 15.17 6.61
CA ASN A 247 -31.77 14.87 7.55
C ASN A 247 -32.51 13.63 7.04
N ASP A 248 -33.26 12.96 7.90
CA ASP A 248 -33.72 11.56 7.67
C ASP A 248 -34.84 11.54 6.63
N SER A 249 -35.37 12.71 6.27
CA SER A 249 -36.45 12.85 5.25
C SER A 249 -35.81 12.80 3.84
N TYR A 250 -34.84 13.67 3.59
CA TYR A 250 -34.03 13.71 2.34
C TYR A 250 -33.18 12.43 2.21
N LEU A 251 -32.60 11.93 3.32
CA LEU A 251 -31.71 10.73 3.30
C LEU A 251 -32.52 9.50 2.87
N LYS A 252 -33.78 9.39 3.30
CA LYS A 252 -34.63 8.23 2.93
C LYS A 252 -34.56 8.00 1.42
N TYR A 253 -34.65 9.05 0.61
CA TYR A 253 -34.50 8.98 -0.88
C TYR A 253 -33.30 8.11 -1.23
N VAL A 254 -32.14 8.42 -0.65
CA VAL A 254 -30.86 7.72 -0.92
C VAL A 254 -30.97 6.27 -0.40
N GLY A 255 -31.49 6.10 0.81
CA GLY A 255 -31.74 4.78 1.41
C GLY A 255 -32.63 3.91 0.54
N TRP A 256 -33.81 4.42 0.14
CA TRP A 256 -34.80 3.63 -0.64
C TRP A 256 -34.16 3.18 -1.95
N THR A 257 -33.08 3.83 -2.37
CA THR A 257 -32.51 3.69 -3.74
C THR A 257 -31.25 2.82 -3.67
N LEU A 258 -30.87 2.36 -2.48
CA LEU A 258 -29.82 1.32 -2.38
C LEU A 258 -30.38 0.04 -3.01
N HIS A 259 -31.69 -0.19 -2.86
CA HIS A 259 -32.43 -1.36 -3.43
C HIS A 259 -32.60 -1.24 -4.95
N ASP A 260 -32.23 -0.13 -5.58
CA ASP A 260 -32.38 0.07 -7.05
C ASP A 260 -31.75 -1.10 -7.78
N ARG A 261 -32.19 -1.34 -9.02
CA ARG A 261 -31.96 -2.57 -9.83
C ARG A 261 -30.64 -2.49 -10.59
N GLN A 262 -30.10 -1.28 -10.82
CA GLN A 262 -28.99 -1.02 -11.77
C GLN A 262 -27.71 -0.64 -11.02
N GLY A 263 -26.59 -1.23 -11.40
CA GLY A 263 -25.28 -0.98 -10.77
C GLY A 263 -24.98 0.49 -10.78
N GLU A 264 -25.13 1.12 -11.94
CA GLU A 264 -24.94 2.57 -12.18
C GLU A 264 -25.48 3.31 -10.93
N VAL A 265 -26.71 3.01 -10.50
CA VAL A 265 -27.49 3.80 -9.49
C VAL A 265 -27.06 3.39 -8.07
N ARG A 266 -27.00 2.10 -7.79
CA ARG A 266 -26.49 1.61 -6.48
C ARG A 266 -25.12 2.25 -6.27
N LEU A 267 -24.26 2.20 -7.28
CA LEU A 267 -22.91 2.82 -7.22
C LEU A 267 -23.07 4.26 -6.74
N LYS A 268 -23.99 5.02 -7.33
CA LYS A 268 -24.17 6.46 -7.00
C LYS A 268 -24.61 6.58 -5.54
N CYS A 269 -25.64 5.84 -5.09
CA CYS A 269 -26.08 5.91 -3.66
C CYS A 269 -24.86 5.77 -2.74
N LEU A 270 -23.92 4.87 -3.05
CA LEU A 270 -22.77 4.57 -2.15
C LEU A 270 -21.77 5.73 -2.20
N LYS A 271 -21.50 6.25 -3.39
CA LYS A 271 -20.57 7.40 -3.59
C LYS A 271 -21.08 8.61 -2.78
N ALA A 272 -22.40 8.80 -2.70
CA ALA A 272 -23.05 9.86 -1.92
C ALA A 272 -22.77 9.64 -0.43
N LEU A 273 -23.19 8.49 0.11
CA LEU A 273 -22.99 8.14 1.53
C LEU A 273 -21.50 8.14 1.87
N GLN A 274 -20.62 7.73 0.94
CA GLN A 274 -19.14 7.78 1.16
C GLN A 274 -18.75 9.22 1.54
N SER A 275 -19.09 10.19 0.69
CA SER A 275 -18.68 11.61 0.85
C SER A 275 -19.25 12.16 2.15
N LEU A 276 -20.44 11.69 2.55
CA LEU A 276 -20.99 12.07 3.88
C LEU A 276 -20.11 11.45 4.98
N TYR A 277 -20.02 10.12 5.09
CA TYR A 277 -19.39 9.45 6.26
C TYR A 277 -17.89 9.80 6.41
N THR A 278 -17.18 10.26 5.38
CA THR A 278 -15.74 10.66 5.51
C THR A 278 -15.60 11.85 6.46
N ASN A 279 -16.57 12.75 6.48
CA ASN A 279 -16.56 13.96 7.35
C ASN A 279 -17.02 13.55 8.76
N ARG A 280 -16.06 13.21 9.63
CA ARG A 280 -16.25 12.91 11.07
C ARG A 280 -16.71 14.19 11.78
N GLU A 281 -17.91 14.66 11.47
CA GLU A 281 -18.44 15.98 11.93
C GLU A 281 -19.95 16.03 11.70
N LEU A 282 -20.43 15.62 10.54
CA LEU A 282 -21.87 15.33 10.30
C LEU A 282 -22.14 13.83 10.51
N PHE A 283 -21.09 13.06 10.83
CA PHE A 283 -21.16 11.64 11.28
C PHE A 283 -22.30 11.47 12.29
N PRO A 284 -22.40 12.27 13.38
CA PRO A 284 -23.61 12.31 14.20
C PRO A 284 -24.96 12.29 13.46
N LYS A 285 -25.16 13.17 12.47
CA LYS A 285 -26.44 13.35 11.74
C LYS A 285 -26.82 12.11 10.91
N LEU A 286 -25.91 11.13 10.79
CA LEU A 286 -26.14 9.86 10.04
C LEU A 286 -26.45 8.70 11.01
N GLU A 287 -26.47 8.94 12.32
CA GLU A 287 -26.73 7.93 13.39
C GLU A 287 -28.01 7.14 13.07
N LEU A 288 -29.15 7.82 12.99
CA LEU A 288 -30.48 7.16 12.79
C LEU A 288 -30.48 6.47 11.42
N PHE A 289 -29.83 7.08 10.42
CA PHE A 289 -29.74 6.57 9.04
C PHE A 289 -28.92 5.28 8.99
N THR A 290 -27.80 5.23 9.72
CA THR A 290 -26.91 4.03 9.82
C THR A 290 -27.68 2.85 10.41
N ASN A 291 -28.42 3.08 11.50
CA ASN A 291 -29.31 2.07 12.15
C ASN A 291 -30.33 1.57 11.12
N ARG A 292 -30.98 2.47 10.37
CA ARG A 292 -32.16 2.17 9.50
C ARG A 292 -31.73 1.38 8.27
N PHE A 293 -30.51 1.56 7.74
CA PHE A 293 -30.12 0.96 6.43
C PHE A 293 -28.86 0.13 6.52
N LYS A 294 -28.33 -0.13 7.73
CA LYS A 294 -27.07 -0.92 7.91
C LYS A 294 -27.22 -2.26 7.18
N ASP A 295 -28.36 -2.96 7.35
CA ASP A 295 -28.60 -4.32 6.77
C ASP A 295 -28.44 -4.25 5.25
N ARG A 296 -28.91 -3.17 4.61
CA ARG A 296 -28.88 -3.03 3.13
C ARG A 296 -27.47 -2.61 2.70
N ILE A 297 -26.85 -1.69 3.42
CA ILE A 297 -25.48 -1.22 3.08
C ILE A 297 -24.55 -2.43 3.11
N VAL A 298 -24.72 -3.22 4.16
CA VAL A 298 -23.80 -4.33 4.52
C VAL A 298 -24.00 -5.44 3.48
N SER A 299 -25.25 -5.81 3.19
CA SER A 299 -25.62 -6.79 2.13
C SER A 299 -24.86 -6.53 0.82
N MET A 300 -24.82 -5.28 0.37
CA MET A 300 -24.24 -4.88 -0.95
C MET A 300 -22.71 -5.12 -1.00
N THR A 301 -22.02 -5.34 0.13
CA THR A 301 -20.56 -5.62 0.16
C THR A 301 -20.24 -6.85 -0.68
N LEU A 302 -21.22 -7.73 -0.89
CA LEU A 302 -21.11 -8.91 -1.80
C LEU A 302 -22.13 -8.73 -2.94
N ASP A 303 -22.27 -7.50 -3.44
CA ASP A 303 -23.41 -6.97 -4.24
C ASP A 303 -23.79 -7.89 -5.40
N LYS A 304 -22.85 -8.18 -6.30
CA LYS A 304 -23.11 -8.90 -7.58
C LYS A 304 -22.30 -8.22 -8.68
N GLU A 305 -22.39 -6.89 -8.72
CA GLU A 305 -21.55 -6.02 -9.57
C GLU A 305 -20.30 -5.67 -8.77
N TYR A 306 -19.13 -6.11 -9.24
CA TYR A 306 -17.83 -6.00 -8.53
C TYR A 306 -17.70 -4.61 -7.90
N ASP A 307 -17.81 -3.57 -8.74
CA ASP A 307 -17.39 -2.19 -8.38
C ASP A 307 -18.42 -1.58 -7.45
N VAL A 308 -19.68 -2.02 -7.50
CA VAL A 308 -20.71 -1.65 -6.48
C VAL A 308 -20.26 -2.21 -5.13
N ALA A 309 -20.03 -3.52 -5.08
CA ALA A 309 -19.48 -4.23 -3.90
C ALA A 309 -18.25 -3.46 -3.39
N VAL A 310 -17.23 -3.23 -4.24
CA VAL A 310 -15.98 -2.55 -3.80
C VAL A 310 -16.35 -1.32 -2.98
N GLU A 311 -17.29 -0.52 -3.48
CA GLU A 311 -17.72 0.77 -2.86
C GLU A 311 -18.45 0.47 -1.53
N ALA A 312 -19.43 -0.45 -1.54
CA ALA A 312 -20.16 -0.84 -0.32
C ALA A 312 -19.13 -1.22 0.76
N ILE A 313 -18.08 -1.93 0.36
CA ILE A 313 -17.04 -2.34 1.32
C ILE A 313 -16.37 -1.06 1.83
N ARG A 314 -15.96 -0.16 0.93
CA ARG A 314 -15.26 1.11 1.30
C ARG A 314 -16.17 1.94 2.23
N LEU A 315 -17.50 1.88 2.01
CA LEU A 315 -18.52 2.57 2.86
C LEU A 315 -18.44 1.97 4.26
N VAL A 316 -18.67 0.66 4.34
CA VAL A 316 -18.76 -0.05 5.65
C VAL A 316 -17.45 0.17 6.42
N THR A 317 -16.28 0.19 5.76
CA THR A 317 -15.00 0.41 6.49
C THR A 317 -15.01 1.85 7.00
N LEU A 318 -15.48 2.79 6.17
CA LEU A 318 -15.62 4.21 6.57
C LEU A 318 -16.50 4.27 7.82
N ILE A 319 -17.62 3.56 7.83
CA ILE A 319 -18.57 3.56 8.99
C ILE A 319 -17.89 2.95 10.23
N LEU A 320 -17.23 1.80 10.08
CA LEU A 320 -16.49 1.12 11.19
C LEU A 320 -15.59 2.17 11.84
N HIS A 321 -14.70 2.76 11.04
CA HIS A 321 -13.72 3.77 11.49
C HIS A 321 -14.39 4.88 12.31
N GLY A 322 -15.69 5.15 12.13
CA GLY A 322 -16.49 5.98 13.06
C GLY A 322 -17.35 5.12 13.97
N GLY B 3 -21.61 35.42 -33.54
CA GLY B 3 -21.84 34.05 -34.07
C GLY B 3 -22.40 33.11 -33.02
N GLY B 4 -23.73 32.93 -33.00
CA GLY B 4 -24.39 31.75 -32.39
C GLY B 4 -25.59 32.03 -31.46
N THR B 5 -26.58 31.14 -31.53
CA THR B 5 -27.58 30.92 -30.45
C THR B 5 -26.86 30.44 -29.18
N LEU B 6 -27.58 30.40 -28.07
CA LEU B 6 -27.05 29.94 -26.77
C LEU B 6 -26.59 28.49 -26.96
N PHE B 7 -27.44 27.67 -27.58
CA PHE B 7 -27.17 26.25 -27.88
C PHE B 7 -25.85 26.14 -28.66
N GLU B 8 -25.69 26.91 -29.73
CA GLU B 8 -24.50 26.86 -30.61
C GLU B 8 -23.29 27.13 -29.73
N VAL B 9 -23.32 28.18 -28.91
CA VAL B 9 -22.17 28.58 -28.04
C VAL B 9 -21.91 27.50 -27.01
N VAL B 10 -22.94 26.97 -26.36
CA VAL B 10 -22.77 25.97 -25.27
C VAL B 10 -22.16 24.68 -25.83
N LYS B 11 -22.74 24.14 -26.91
CA LYS B 11 -22.24 22.96 -27.69
C LYS B 11 -20.74 23.10 -27.99
N LEU B 12 -20.34 24.14 -28.70
CA LEU B 12 -18.89 24.38 -29.00
C LEU B 12 -18.10 24.44 -27.67
N GLY B 13 -18.50 25.30 -26.74
CA GLY B 13 -17.77 25.51 -25.48
C GLY B 13 -16.34 25.92 -25.73
N LYS B 14 -16.12 26.79 -26.72
CA LYS B 14 -14.78 27.37 -26.99
C LYS B 14 -14.25 27.97 -25.69
N SER B 15 -13.03 27.62 -25.29
CA SER B 15 -12.31 28.23 -24.14
C SER B 15 -12.07 29.74 -24.39
N ALA B 16 -11.50 30.43 -23.39
CA ALA B 16 -11.15 31.85 -23.48
C ALA B 16 -10.29 32.04 -24.72
N MET B 17 -9.26 31.22 -24.82
CA MET B 17 -8.17 31.34 -25.82
C MET B 17 -8.68 30.88 -27.20
N GLN B 18 -9.39 29.75 -27.27
CA GLN B 18 -10.01 29.24 -28.53
C GLN B 18 -10.77 30.38 -29.23
N SER B 19 -11.56 31.13 -28.45
CA SER B 19 -12.42 32.26 -28.91
C SER B 19 -11.56 33.38 -29.49
N VAL B 20 -10.51 33.79 -28.76
CA VAL B 20 -9.64 34.95 -29.13
C VAL B 20 -8.78 34.58 -30.35
N VAL B 21 -8.29 33.34 -30.40
CA VAL B 21 -7.45 32.79 -31.51
C VAL B 21 -8.27 32.85 -32.80
N ASP B 22 -9.42 32.14 -32.86
CA ASP B 22 -10.33 32.15 -34.04
C ASP B 22 -10.48 33.58 -34.54
N ASP B 23 -10.66 34.51 -33.59
CA ASP B 23 -10.76 35.96 -33.88
C ASP B 23 -9.51 36.34 -34.69
N TRP B 24 -8.31 36.09 -34.13
CA TRP B 24 -7.01 36.49 -34.75
C TRP B 24 -6.87 35.87 -36.14
N ILE B 25 -7.11 34.55 -36.27
CA ILE B 25 -6.94 33.83 -37.56
C ILE B 25 -7.85 34.47 -38.62
N GLU B 26 -9.05 34.92 -38.24
CA GLU B 26 -9.93 35.69 -39.14
C GLU B 26 -9.29 37.06 -39.40
N SER B 27 -8.79 37.74 -38.36
CA SER B 27 -8.03 39.02 -38.46
C SER B 27 -6.85 38.86 -39.43
N TYR B 28 -6.17 37.70 -39.43
CA TYR B 28 -4.97 37.38 -40.27
C TYR B 28 -5.40 37.07 -41.71
N LYS B 29 -6.59 36.48 -41.88
CA LYS B 29 -7.18 36.22 -43.22
C LYS B 29 -7.55 37.55 -43.87
N GLN B 30 -8.04 38.50 -43.05
CA GLN B 30 -8.52 39.84 -43.51
C GLN B 30 -7.30 40.64 -43.98
N ASP B 31 -6.29 40.81 -43.12
CA ASP B 31 -5.05 41.58 -43.44
C ASP B 31 -3.88 40.96 -42.65
N ARG B 32 -3.01 40.22 -43.37
CA ARG B 32 -1.86 39.45 -42.83
C ARG B 32 -0.97 40.34 -41.96
N ASP B 33 -0.75 41.59 -42.39
CA ASP B 33 0.28 42.46 -41.77
C ASP B 33 -0.21 42.95 -40.41
N ILE B 34 -1.37 43.61 -40.32
CA ILE B 34 -1.76 44.27 -39.04
C ILE B 34 -2.02 43.17 -38.00
N ALA B 35 -2.35 41.94 -38.44
CA ALA B 35 -2.59 40.76 -37.57
C ALA B 35 -1.26 40.31 -36.96
N LEU B 36 -0.28 40.03 -37.81
CA LEU B 36 1.13 39.82 -37.38
C LEU B 36 1.55 40.94 -36.41
N LEU B 37 1.28 42.21 -36.76
CA LEU B 37 1.61 43.33 -35.86
C LEU B 37 0.99 43.05 -34.48
N ASP B 38 -0.31 42.76 -34.43
CA ASP B 38 -1.07 42.60 -33.17
C ASP B 38 -0.42 41.49 -32.35
N LEU B 39 0.00 40.42 -33.04
CA LEU B 39 0.69 39.23 -32.47
C LEU B 39 2.06 39.65 -31.92
N ILE B 40 2.82 40.49 -32.64
CA ILE B 40 4.09 41.08 -32.14
C ILE B 40 3.74 41.75 -30.80
N ASN B 41 2.89 42.76 -30.88
CA ASN B 41 2.56 43.65 -29.75
C ASN B 41 2.16 42.76 -28.56
N PHE B 42 1.45 41.66 -28.83
CA PHE B 42 0.93 40.77 -27.77
C PHE B 42 2.12 40.27 -26.94
N PHE B 43 3.20 39.87 -27.60
CA PHE B 43 4.43 39.33 -26.94
C PHE B 43 5.16 40.49 -26.25
N ILE B 44 5.27 41.63 -26.94
CA ILE B 44 5.89 42.88 -26.42
C ILE B 44 5.20 43.24 -25.09
N GLN B 45 3.87 43.12 -25.04
CA GLN B 45 3.02 43.61 -23.93
C GLN B 45 2.91 42.55 -22.82
N CYS B 46 3.14 41.27 -23.15
CA CYS B 46 3.18 40.13 -22.19
C CYS B 46 4.48 40.17 -21.38
N SER B 47 5.50 40.85 -21.92
CA SER B 47 6.74 41.24 -21.20
C SER B 47 6.40 42.22 -20.06
N GLY B 48 5.26 42.92 -20.18
CA GLY B 48 4.86 43.98 -19.24
C GLY B 48 5.30 45.34 -19.77
N CYS B 49 6.14 45.33 -20.81
CA CYS B 49 6.60 46.51 -21.59
C CYS B 49 5.39 47.31 -22.07
N ARG B 50 5.26 48.54 -21.58
CA ARG B 50 4.08 49.44 -21.78
C ARG B 50 4.00 49.90 -23.25
N GLY B 51 4.99 49.58 -24.08
CA GLY B 51 5.11 50.06 -25.46
C GLY B 51 4.04 49.51 -26.37
N THR B 52 4.17 49.75 -27.68
CA THR B 52 3.29 49.19 -28.75
C THR B 52 3.73 49.70 -30.14
N VAL B 53 4.02 48.77 -31.05
CA VAL B 53 4.62 48.98 -32.41
C VAL B 53 3.51 49.37 -33.40
N ARG B 54 3.74 50.38 -34.24
CA ARG B 54 2.78 50.84 -35.30
C ARG B 54 2.97 50.04 -36.59
N ILE B 55 2.01 50.16 -37.51
CA ILE B 55 1.95 49.41 -38.80
C ILE B 55 2.97 50.03 -39.78
N GLU B 56 3.45 51.24 -39.47
CA GLU B 56 4.44 51.99 -40.30
C GLU B 56 5.85 51.59 -39.85
N MET B 57 6.09 51.45 -38.53
CA MET B 57 7.35 50.93 -37.94
C MET B 57 7.65 49.57 -38.56
N PHE B 58 6.69 48.65 -38.41
CA PHE B 58 6.66 47.27 -38.94
C PHE B 58 7.30 47.20 -40.35
N ARG B 59 6.63 47.80 -41.34
CA ARG B 59 7.02 47.69 -42.78
C ARG B 59 8.40 48.34 -43.00
N ASN B 60 8.75 49.38 -42.25
CA ASN B 60 10.00 50.18 -42.41
C ASN B 60 11.15 49.49 -41.65
N MET B 61 11.02 49.34 -40.32
CA MET B 61 12.11 48.91 -39.39
C MET B 61 12.35 47.40 -39.43
N GLN B 62 13.42 46.96 -38.74
CA GLN B 62 13.87 45.54 -38.59
C GLN B 62 13.56 45.05 -37.17
N ASN B 63 13.58 43.71 -37.00
CA ASN B 63 13.40 42.98 -35.71
C ASN B 63 14.18 43.68 -34.58
N ALA B 64 15.48 43.91 -34.77
CA ALA B 64 16.42 44.38 -33.71
C ALA B 64 16.11 45.83 -33.31
N GLU B 65 15.70 46.67 -34.26
CA GLU B 65 15.28 48.08 -34.00
C GLU B 65 14.06 48.08 -33.09
N ILE B 66 13.02 47.34 -33.51
CA ILE B 66 11.72 47.18 -32.77
C ILE B 66 12.08 46.82 -31.33
N ILE B 67 12.90 45.78 -31.16
CA ILE B 67 13.33 45.26 -29.82
C ILE B 67 14.10 46.38 -29.12
N ARG B 68 15.17 46.91 -29.73
CA ARG B 68 16.02 47.99 -29.16
C ARG B 68 15.12 49.15 -28.70
N LYS B 69 14.18 49.58 -29.55
CA LYS B 69 13.24 50.68 -29.23
C LYS B 69 12.43 50.28 -27.98
N MET B 70 11.81 49.09 -28.02
CA MET B 70 10.98 48.58 -26.90
C MET B 70 11.88 48.30 -25.67
N THR B 71 13.14 47.90 -25.90
CA THR B 71 14.22 47.75 -24.86
C THR B 71 14.25 49.02 -24.00
N GLU B 72 14.71 50.15 -24.56
CA GLU B 72 14.69 51.47 -23.86
C GLU B 72 13.24 51.71 -23.39
N GLU B 73 13.02 51.54 -22.09
CA GLU B 73 11.69 51.40 -21.39
C GLU B 73 11.89 50.48 -20.18
N ASP B 80 9.08 44.35 -11.84
CA ASP B 80 8.21 43.15 -11.67
C ASP B 80 7.23 43.08 -12.85
N TYR B 81 7.26 41.98 -13.62
CA TYR B 81 6.61 41.80 -14.94
C TYR B 81 5.52 40.72 -14.84
N PRO B 82 4.55 40.66 -15.79
CA PRO B 82 3.34 39.85 -15.64
C PRO B 82 3.54 38.40 -15.17
N LEU B 83 4.50 37.66 -15.74
CA LEU B 83 4.63 36.19 -15.57
C LEU B 83 5.10 35.82 -14.16
N THR B 84 5.36 36.79 -13.27
CA THR B 84 5.95 36.57 -11.92
C THR B 84 5.01 37.06 -10.80
N MET B 85 3.72 37.27 -11.10
CA MET B 85 2.72 37.74 -10.11
C MET B 85 1.55 36.75 -10.05
N GLY B 87 -1.02 36.88 -7.85
CA GLY B 87 -2.09 36.14 -7.16
C GLY B 87 -2.51 34.88 -7.93
N PRO B 88 -3.78 34.42 -7.80
CA PRO B 88 -4.33 33.37 -8.67
C PRO B 88 -5.05 33.89 -9.93
N GLN B 89 -5.10 35.22 -10.13
CA GLN B 89 -5.62 35.86 -11.37
C GLN B 89 -4.56 35.69 -12.47
N TRP B 90 -3.28 35.82 -12.12
CA TRP B 90 -2.15 35.74 -13.09
C TRP B 90 -1.70 34.28 -13.26
N LYS B 91 -2.02 33.36 -12.33
CA LYS B 91 -1.81 31.90 -12.54
C LYS B 91 -2.62 31.47 -13.76
N LYS B 92 -3.79 32.10 -13.96
CA LYS B 92 -4.65 31.91 -15.16
C LYS B 92 -4.22 32.89 -16.28
N PHE B 93 -3.26 33.80 -16.04
CA PHE B 93 -2.54 34.53 -17.12
C PHE B 93 -1.49 33.60 -17.74
N ARG B 94 -0.44 33.26 -16.97
CA ARG B 94 0.54 32.18 -17.29
C ARG B 94 -0.19 31.09 -18.07
N SER B 95 -1.06 30.37 -17.38
CA SER B 95 -1.83 29.25 -17.96
C SER B 95 -2.37 29.67 -19.34
N ASN B 96 -2.87 30.90 -19.46
CA ASN B 96 -3.62 31.38 -20.66
C ASN B 96 -2.67 31.83 -21.78
N PHE B 97 -1.58 32.49 -21.41
CA PHE B 97 -0.43 32.78 -22.31
C PHE B 97 -0.01 31.47 -23.00
N CYS B 98 0.30 30.43 -22.22
CA CYS B 98 0.70 29.08 -22.71
C CYS B 98 -0.40 28.47 -23.59
N GLU B 99 -1.66 28.61 -23.21
CA GLU B 99 -2.76 27.94 -23.96
C GLU B 99 -2.99 28.71 -25.26
N PHE B 100 -2.89 30.04 -25.24
CA PHE B 100 -2.99 30.90 -26.45
C PHE B 100 -2.10 30.31 -27.55
N ILE B 101 -0.80 30.24 -27.26
CA ILE B 101 0.24 29.76 -28.21
C ILE B 101 -0.15 28.40 -28.78
N GLY B 102 -0.52 27.44 -27.92
CA GLY B 102 -0.79 26.07 -28.35
C GLY B 102 -2.02 26.01 -29.25
N VAL B 103 -3.05 26.78 -28.92
CA VAL B 103 -4.28 26.79 -29.73
C VAL B 103 -3.94 27.56 -31.01
N LEU B 104 -3.24 28.69 -30.93
CA LEU B 104 -2.88 29.47 -32.14
C LEU B 104 -2.24 28.52 -33.19
N ILE B 105 -1.16 27.83 -32.83
CA ILE B 105 -0.42 26.95 -33.78
C ILE B 105 -1.29 25.74 -34.14
N ARG B 106 -2.19 25.28 -33.27
CA ARG B 106 -3.09 24.12 -33.58
C ARG B 106 -4.10 24.53 -34.66
N GLN B 107 -4.55 25.78 -34.67
CA GLN B 107 -5.58 26.24 -35.63
C GLN B 107 -4.89 26.51 -36.97
N CYS B 108 -3.76 27.23 -36.95
CA CYS B 108 -2.92 27.54 -38.16
C CYS B 108 -2.17 26.32 -38.72
N GLN B 109 -2.29 25.13 -38.13
CA GLN B 109 -1.35 24.00 -38.39
C GLN B 109 -1.54 23.44 -39.82
N TYR B 110 -2.54 23.90 -40.58
CA TYR B 110 -2.92 23.31 -41.89
C TYR B 110 -2.76 24.31 -43.06
N SER B 111 -2.43 25.57 -42.81
CA SER B 111 -2.14 26.55 -43.89
C SER B 111 -1.21 27.64 -43.39
N ILE B 112 -1.71 28.51 -42.53
CA ILE B 112 -1.07 29.82 -42.15
C ILE B 112 0.37 29.58 -41.63
N ILE B 113 0.62 28.43 -41.00
CA ILE B 113 1.94 28.01 -40.47
C ILE B 113 2.97 27.94 -41.62
N TYR B 114 2.56 27.31 -42.73
CA TYR B 114 3.37 26.95 -43.92
C TYR B 114 3.61 28.18 -44.81
N ASP B 115 2.60 29.02 -45.03
CA ASP B 115 2.81 30.40 -45.53
C ASP B 115 4.10 30.88 -44.85
N GLU B 116 5.05 31.37 -45.64
CA GLU B 116 6.46 31.53 -45.20
C GLU B 116 6.62 32.88 -44.49
N TYR B 117 5.54 33.41 -43.87
CA TYR B 117 5.50 34.76 -43.26
C TYR B 117 5.21 34.67 -41.74
N MET B 118 4.21 33.88 -41.30
CA MET B 118 3.73 33.95 -39.89
C MET B 118 4.79 33.39 -38.94
N MET B 119 5.16 32.13 -39.12
CA MET B 119 6.06 31.42 -38.17
C MET B 119 7.45 32.08 -38.17
N ASP B 120 7.93 32.52 -39.34
CA ASP B 120 9.25 33.17 -39.50
C ASP B 120 9.26 34.49 -38.70
N THR B 121 8.14 35.24 -38.67
CA THR B 121 8.03 36.54 -37.95
C THR B 121 8.08 36.31 -36.43
N VAL B 122 7.38 35.26 -35.97
CA VAL B 122 7.20 34.94 -34.53
C VAL B 122 8.53 34.37 -33.98
N ILE B 123 9.07 33.34 -34.64
CA ILE B 123 10.30 32.64 -34.19
C ILE B 123 11.45 33.66 -34.13
N SER B 124 11.43 34.64 -35.05
CA SER B 124 12.41 35.76 -35.10
C SER B 124 12.17 36.68 -33.90
N LEU B 125 10.93 37.10 -33.69
CA LEU B 125 10.62 38.06 -32.59
C LEU B 125 11.15 37.48 -31.28
N LEU B 126 10.85 36.20 -31.03
CA LEU B 126 11.23 35.50 -29.77
C LEU B 126 12.75 35.36 -29.75
N THR B 127 13.36 34.74 -30.78
CA THR B 127 14.83 34.53 -30.83
C THR B 127 15.50 35.86 -30.48
N GLY B 128 14.95 36.97 -31.00
CA GLY B 128 15.42 38.34 -30.72
C GLY B 128 15.40 38.65 -29.25
N LEU B 129 14.22 38.55 -28.63
CA LEU B 129 13.95 38.86 -27.20
C LEU B 129 14.70 37.87 -26.29
N SER B 130 14.90 36.64 -26.78
CA SER B 130 15.57 35.53 -26.06
C SER B 130 17.09 35.76 -26.00
N ASP B 131 17.59 36.86 -26.56
CA ASP B 131 19.02 37.27 -26.43
C ASP B 131 19.12 38.62 -25.69
N SER B 132 18.01 39.15 -25.16
CA SER B 132 17.97 40.49 -24.52
C SER B 132 18.55 40.40 -23.12
N GLN B 133 19.19 41.47 -22.64
CA GLN B 133 19.68 41.57 -21.24
C GLN B 133 18.55 42.07 -20.33
N VAL B 134 17.34 42.29 -20.86
CA VAL B 134 16.18 42.71 -20.02
C VAL B 134 15.57 41.46 -19.39
N ARG B 135 15.41 41.47 -18.07
CA ARG B 135 14.83 40.33 -17.32
C ARG B 135 13.60 39.84 -18.08
N ALA B 136 12.52 40.62 -18.03
CA ALA B 136 11.16 40.19 -18.42
C ALA B 136 11.17 39.61 -19.84
N PHE B 137 11.99 40.13 -20.74
CA PHE B 137 11.98 39.82 -22.20
C PHE B 137 12.44 38.38 -22.43
N ARG B 138 13.53 37.95 -21.77
CA ARG B 138 14.11 36.59 -21.93
C ARG B 138 13.13 35.56 -21.33
N HIS B 139 12.63 35.82 -20.12
CA HIS B 139 11.60 34.97 -19.46
C HIS B 139 10.47 34.67 -20.46
N THR B 140 9.78 35.73 -20.89
CA THR B 140 8.51 35.69 -21.68
C THR B 140 8.76 34.99 -23.02
N SER B 141 9.82 35.40 -23.73
CA SER B 141 10.18 34.87 -25.06
C SER B 141 10.51 33.39 -24.93
N THR B 142 11.30 33.03 -23.91
CA THR B 142 11.74 31.62 -23.64
C THR B 142 10.49 30.78 -23.38
N LEU B 143 9.62 31.25 -22.49
CA LEU B 143 8.36 30.54 -22.16
C LEU B 143 7.57 30.35 -23.47
N ALA B 144 7.46 31.42 -24.25
CA ALA B 144 6.64 31.45 -25.48
C ALA B 144 7.26 30.51 -26.51
N ALA B 145 8.57 30.62 -26.69
CA ALA B 145 9.38 29.74 -27.56
C ALA B 145 9.16 28.29 -27.13
N MET B 146 9.16 28.03 -25.82
CA MET B 146 9.13 26.64 -25.33
C MET B 146 7.76 26.04 -25.71
N LYS B 147 6.70 26.80 -25.49
CA LYS B 147 5.31 26.32 -25.75
C LYS B 147 5.13 26.19 -27.27
N LEU B 148 5.61 27.19 -28.00
CA LEU B 148 5.67 27.20 -29.48
C LEU B 148 6.32 25.89 -29.93
N MET B 149 7.49 25.61 -29.38
CA MET B 149 8.27 24.43 -29.77
C MET B 149 7.41 23.19 -29.53
N THR B 150 6.72 23.12 -28.37
CA THR B 150 5.83 21.98 -28.06
C THR B 150 4.70 21.92 -29.09
N ALA B 151 4.17 23.08 -29.46
CA ALA B 151 3.06 23.18 -30.44
C ALA B 151 3.50 22.54 -31.76
N LEU B 152 4.71 22.88 -32.23
CA LEU B 152 5.24 22.38 -33.52
C LEU B 152 5.48 20.87 -33.41
N VAL B 153 5.99 20.40 -32.26
CA VAL B 153 6.17 18.94 -32.01
C VAL B 153 4.81 18.24 -32.17
N ASN B 154 3.71 18.93 -31.85
CA ASN B 154 2.33 18.40 -31.98
C ASN B 154 1.92 18.41 -33.47
N VAL B 155 2.24 19.48 -34.21
CA VAL B 155 2.00 19.52 -35.68
C VAL B 155 2.70 18.30 -36.31
N ALA B 156 4.00 18.17 -36.04
CA ALA B 156 4.92 17.13 -36.55
C ALA B 156 4.37 15.75 -36.21
N LEU B 157 3.81 15.60 -35.02
CA LEU B 157 3.25 14.31 -34.54
C LEU B 157 1.96 14.02 -35.30
N ASN B 158 1.21 15.05 -35.68
CA ASN B 158 -0.01 14.91 -36.52
C ASN B 158 0.41 14.53 -37.94
N LEU B 159 1.46 15.16 -38.46
CA LEU B 159 2.03 14.81 -39.78
C LEU B 159 2.53 13.36 -39.76
N SER B 160 3.56 13.04 -38.98
CA SER B 160 4.11 11.67 -38.86
C SER B 160 2.98 10.63 -38.75
N ILE B 161 1.82 11.00 -38.19
CA ILE B 161 0.63 10.11 -38.05
C ILE B 161 -0.20 10.11 -39.35
N HIS B 162 -0.34 11.25 -40.03
CA HIS B 162 -0.90 11.34 -41.43
C HIS B 162 0.06 10.62 -42.39
N GLN B 163 1.37 10.88 -42.28
CA GLN B 163 2.44 10.46 -43.24
C GLN B 163 2.28 8.96 -43.51
N ASP B 164 2.50 8.11 -42.49
CA ASP B 164 2.50 6.63 -42.67
C ASP B 164 1.06 6.10 -42.61
N ASN B 165 0.05 6.97 -42.53
CA ASN B 165 -1.37 6.58 -42.74
C ASN B 165 -1.61 6.43 -44.25
N THR B 166 -1.03 7.34 -45.07
CA THR B 166 -0.94 7.24 -46.56
C THR B 166 0.34 6.46 -46.91
N GLN B 167 0.30 5.15 -46.65
CA GLN B 167 1.40 4.17 -46.89
C GLN B 167 0.74 2.79 -47.00
N ARG B 168 -0.08 2.42 -46.00
CA ARG B 168 -1.10 1.35 -46.11
C ARG B 168 -2.02 1.67 -47.29
N GLN B 169 -2.61 2.88 -47.31
CA GLN B 169 -3.42 3.44 -48.43
C GLN B 169 -2.71 4.68 -48.98
N LEU B 186 -3.16 5.77 -57.01
CA LEU B 186 -1.71 5.98 -56.77
C LEU B 186 -1.28 7.37 -57.27
N GLU B 187 -2.02 7.93 -58.24
CA GLU B 187 -1.75 9.24 -58.90
C GLU B 187 -1.47 10.34 -57.85
N LEU B 188 -2.50 10.76 -57.09
CA LEU B 188 -2.47 11.92 -56.16
C LEU B 188 -1.74 11.58 -54.84
N LEU B 189 -1.47 10.28 -54.60
CA LEU B 189 -0.88 9.77 -53.32
C LEU B 189 0.63 10.04 -53.29
N LEU B 190 1.34 9.64 -54.34
CA LEU B 190 2.81 9.86 -54.52
C LEU B 190 3.09 11.38 -54.42
N GLN B 191 2.16 12.21 -54.90
CA GLN B 191 2.18 13.70 -54.78
C GLN B 191 2.10 14.10 -53.30
N LYS B 192 1.00 13.72 -52.62
CA LYS B 192 0.71 14.04 -51.19
C LYS B 192 1.87 13.61 -50.28
N ARG B 193 2.37 12.38 -50.48
CA ARG B 193 3.48 11.78 -49.70
C ARG B 193 4.66 12.77 -49.58
N LYS B 194 4.97 13.51 -50.65
CA LYS B 194 6.12 14.47 -50.70
C LYS B 194 5.65 15.91 -50.45
N GLU B 195 4.35 16.15 -50.24
CA GLU B 195 3.83 17.42 -49.66
C GLU B 195 3.95 17.33 -48.13
N LEU B 196 3.56 16.18 -47.56
CA LEU B 196 3.69 15.86 -46.11
C LEU B 196 5.15 15.97 -45.68
N GLN B 197 6.06 15.33 -46.42
CA GLN B 197 7.51 15.38 -46.12
C GLN B 197 8.06 16.80 -46.35
N GLU B 198 7.48 17.62 -47.25
CA GLU B 198 7.92 19.04 -47.45
C GLU B 198 7.39 19.88 -46.28
N ASN B 199 6.21 19.52 -45.77
CA ASN B 199 5.62 20.02 -44.49
C ASN B 199 6.60 19.71 -43.35
N GLN B 200 6.83 18.41 -43.11
CA GLN B 200 7.69 17.89 -42.01
C GLN B 200 9.06 18.59 -42.04
N ASP B 201 9.60 18.92 -43.22
CA ASP B 201 10.91 19.61 -43.37
C ASP B 201 10.81 21.06 -42.87
N GLU B 202 9.70 21.72 -43.20
CA GLU B 202 9.47 23.14 -42.84
C GLU B 202 9.23 23.20 -41.32
N ILE B 203 8.54 22.20 -40.77
CA ILE B 203 8.23 22.09 -39.31
C ILE B 203 9.56 21.83 -38.59
N GLU B 204 10.37 20.87 -39.07
CA GLU B 204 11.73 20.55 -38.53
C GLU B 204 12.63 21.79 -38.61
N ASN B 205 12.52 22.61 -39.67
CA ASN B 205 13.27 23.88 -39.78
C ASN B 205 12.90 24.77 -38.59
N MET B 206 11.59 24.98 -38.39
CA MET B 206 11.06 25.86 -37.32
C MET B 206 11.56 25.37 -35.96
N MET B 207 11.41 24.07 -35.69
CA MET B 207 11.85 23.47 -34.42
C MET B 207 13.36 23.71 -34.29
N ASN B 208 14.11 23.30 -35.32
CA ASN B 208 15.60 23.47 -35.38
C ASN B 208 15.94 24.93 -35.03
N SER B 209 15.20 25.91 -35.55
CA SER B 209 15.51 27.37 -35.40
C SER B 209 15.30 27.81 -33.95
N ILE B 210 14.22 27.34 -33.32
CA ILE B 210 13.86 27.66 -31.91
C ILE B 210 14.90 27.00 -31.02
N PHE B 211 15.21 25.72 -31.30
CA PHE B 211 16.14 24.89 -30.48
C PHE B 211 17.52 25.55 -30.42
N LYS B 212 18.11 25.90 -31.57
CA LYS B 212 19.51 26.39 -31.67
C LYS B 212 19.50 27.90 -31.37
N GLY B 213 18.40 28.59 -31.73
CA GLY B 213 18.24 30.04 -31.57
C GLY B 213 17.94 30.44 -30.13
N ILE B 214 17.07 29.69 -29.45
CA ILE B 214 16.48 30.10 -28.13
C ILE B 214 16.92 29.10 -27.05
N PHE B 215 16.67 27.79 -27.27
CA PHE B 215 16.87 26.72 -26.25
C PHE B 215 18.35 26.67 -25.85
N VAL B 216 19.21 26.22 -26.78
CA VAL B 216 20.62 25.80 -26.48
C VAL B 216 21.40 26.95 -25.82
N HIS B 217 20.80 28.14 -25.72
CA HIS B 217 21.34 29.30 -24.99
C HIS B 217 20.66 29.39 -23.62
N ARG B 218 19.32 29.39 -23.62
CA ARG B 218 18.46 29.77 -22.46
C ARG B 218 18.55 28.74 -21.32
N TYR B 219 18.85 27.47 -21.65
CA TYR B 219 18.87 26.36 -20.66
C TYR B 219 19.97 26.61 -19.63
N ARG B 220 21.02 27.35 -20.03
CA ARG B 220 22.14 27.80 -19.16
C ARG B 220 21.88 29.21 -18.59
N ASP B 221 20.67 29.76 -18.76
CA ASP B 221 20.39 31.19 -18.48
C ASP B 221 20.78 31.51 -17.04
N ALA B 222 21.15 32.76 -16.77
CA ALA B 222 21.52 33.27 -15.43
C ALA B 222 20.32 33.18 -14.47
N ILE B 223 19.11 33.27 -14.98
CA ILE B 223 17.86 33.21 -14.17
C ILE B 223 17.37 31.76 -14.07
N ALA B 224 17.18 31.30 -12.83
CA ALA B 224 16.85 29.89 -12.48
C ALA B 224 15.57 29.43 -13.21
N GLU B 225 14.48 30.21 -13.06
CA GLU B 225 13.15 29.83 -13.58
C GLU B 225 13.23 29.61 -15.11
N ILE B 226 14.07 30.36 -15.81
CA ILE B 226 14.26 30.18 -17.29
C ILE B 226 14.86 28.78 -17.51
N ARG B 227 15.90 28.43 -16.76
CA ARG B 227 16.52 27.08 -16.83
C ARG B 227 15.42 26.04 -16.63
N ALA B 228 14.56 26.23 -15.61
CA ALA B 228 13.42 25.34 -15.26
C ALA B 228 12.53 25.15 -16.49
N ILE B 229 12.15 26.26 -17.12
CA ILE B 229 11.19 26.28 -18.26
C ILE B 229 11.74 25.41 -19.42
N CYS B 230 13.05 25.48 -19.69
CA CYS B 230 13.71 24.77 -20.83
C CYS B 230 13.80 23.27 -20.56
N ILE B 231 14.34 22.89 -19.39
CA ILE B 231 14.42 21.48 -18.94
C ILE B 231 13.00 20.89 -18.96
N GLU B 232 12.01 21.57 -18.37
CA GLU B 232 10.64 20.99 -18.29
C GLU B 232 10.10 20.71 -19.69
N GLU B 233 10.37 21.59 -20.65
CA GLU B 233 9.78 21.43 -21.99
C GLU B 233 10.56 20.34 -22.75
N ILE B 234 11.89 20.31 -22.61
CA ILE B 234 12.71 19.33 -23.39
C ILE B 234 12.21 17.95 -22.98
N GLY B 235 11.85 17.80 -21.70
CA GLY B 235 11.24 16.57 -21.20
C GLY B 235 9.93 16.31 -21.92
N VAL B 236 9.07 17.31 -21.97
CA VAL B 236 7.76 17.18 -22.68
C VAL B 236 8.04 16.69 -24.10
N TRP B 237 9.00 17.28 -24.83
CA TRP B 237 9.28 16.87 -26.24
C TRP B 237 9.70 15.41 -26.30
N MET B 238 10.69 15.01 -25.48
CA MET B 238 11.26 13.65 -25.52
C MET B 238 10.18 12.63 -25.15
N LYS B 239 9.25 13.03 -24.28
CA LYS B 239 8.11 12.16 -23.85
C LYS B 239 7.15 11.96 -25.05
N MET B 240 6.67 13.05 -25.69
CA MET B 240 5.52 13.02 -26.65
C MET B 240 5.96 12.51 -28.03
N TYR B 241 7.21 12.78 -28.44
CA TYR B 241 7.75 12.38 -29.77
C TYR B 241 9.13 11.75 -29.56
N SER B 242 9.15 10.56 -28.95
CA SER B 242 10.37 9.76 -28.64
C SER B 242 11.18 9.56 -29.90
N ASP B 243 10.60 8.84 -30.87
CA ASP B 243 11.23 8.47 -32.17
C ASP B 243 12.20 9.56 -32.62
N ALA B 244 11.80 10.84 -32.50
CA ALA B 244 12.50 12.04 -33.02
C ALA B 244 13.33 12.73 -31.95
N PHE B 245 12.87 12.77 -30.69
CA PHE B 245 13.47 13.63 -29.63
C PHE B 245 14.19 12.80 -28.54
N LEU B 246 13.80 11.55 -28.29
CA LEU B 246 14.45 10.72 -27.24
C LEU B 246 15.73 10.09 -27.79
N ASN B 247 16.81 10.86 -27.80
CA ASN B 247 18.17 10.43 -28.20
C ASN B 247 19.18 11.23 -27.38
N ASP B 248 20.46 10.88 -27.44
CA ASP B 248 21.52 11.37 -26.52
C ASP B 248 21.89 12.82 -26.86
N SER B 249 21.57 13.25 -28.09
CA SER B 249 21.76 14.63 -28.62
C SER B 249 20.86 15.61 -27.86
N TYR B 250 19.63 15.21 -27.52
CA TYR B 250 18.70 15.99 -26.67
C TYR B 250 18.94 15.68 -25.18
N LEU B 251 19.06 14.39 -24.84
CA LEU B 251 19.13 13.88 -23.44
C LEU B 251 20.24 14.57 -22.65
N LYS B 252 21.35 14.91 -23.30
CA LYS B 252 22.57 15.41 -22.61
C LYS B 252 22.30 16.78 -21.96
N TYR B 253 21.36 17.56 -22.47
CA TYR B 253 20.99 18.89 -21.91
C TYR B 253 20.39 18.66 -20.53
N VAL B 254 19.65 17.56 -20.36
CA VAL B 254 19.06 17.21 -19.03
C VAL B 254 20.21 16.73 -18.14
N GLY B 255 20.97 15.74 -18.62
CA GLY B 255 22.19 15.22 -17.98
C GLY B 255 23.05 16.33 -17.35
N TRP B 256 23.35 17.40 -18.11
CA TRP B 256 24.24 18.49 -17.65
C TRP B 256 23.53 19.33 -16.59
N THR B 257 22.21 19.39 -16.61
CA THR B 257 21.47 20.33 -15.74
C THR B 257 21.12 19.63 -14.43
N LEU B 258 21.34 18.31 -14.31
CA LEU B 258 21.22 17.57 -13.04
C LEU B 258 22.12 18.25 -12.02
N HIS B 259 23.31 18.65 -12.48
CA HIS B 259 24.36 19.40 -11.73
C HIS B 259 23.79 20.70 -11.14
N ASP B 260 22.93 21.41 -11.89
CA ASP B 260 22.44 22.80 -11.60
C ASP B 260 22.38 23.10 -10.11
N ARG B 261 22.74 24.32 -9.74
CA ARG B 261 22.97 24.79 -8.35
C ARG B 261 21.64 25.15 -7.68
N GLN B 262 20.51 25.11 -8.39
CA GLN B 262 19.18 25.48 -7.82
C GLN B 262 18.25 24.27 -7.81
N GLY B 263 17.66 23.98 -6.64
CA GLY B 263 16.94 22.73 -6.36
C GLY B 263 15.77 22.57 -7.28
N GLU B 264 15.01 23.66 -7.45
CA GLU B 264 13.78 23.71 -8.29
C GLU B 264 14.09 23.14 -9.67
N VAL B 265 15.34 23.28 -10.15
CA VAL B 265 15.77 22.87 -11.52
C VAL B 265 16.14 21.38 -11.51
N ARG B 266 16.93 20.95 -10.53
CA ARG B 266 17.29 19.51 -10.38
C ARG B 266 15.96 18.74 -10.37
N LEU B 267 14.97 19.29 -9.64
CA LEU B 267 13.59 18.71 -9.60
C LEU B 267 13.10 18.48 -11.03
N LYS B 268 13.03 19.54 -11.85
CA LYS B 268 12.50 19.45 -13.26
C LYS B 268 13.32 18.45 -14.06
N CYS B 269 14.65 18.42 -13.87
CA CYS B 269 15.54 17.41 -14.51
C CYS B 269 15.06 16.00 -14.14
N LEU B 270 14.89 15.73 -12.84
CA LEU B 270 14.50 14.38 -12.36
C LEU B 270 13.09 14.04 -12.85
N LYS B 271 12.19 15.03 -12.81
CA LYS B 271 10.81 14.88 -13.33
C LYS B 271 10.86 14.51 -14.81
N ALA B 272 11.66 15.21 -15.63
CA ALA B 272 11.79 14.92 -17.08
C ALA B 272 12.30 13.48 -17.27
N LEU B 273 13.30 13.07 -16.49
CA LEU B 273 13.92 11.72 -16.66
C LEU B 273 12.93 10.66 -16.18
N GLN B 274 12.29 10.89 -15.02
CA GLN B 274 11.25 10.00 -14.44
C GLN B 274 10.26 9.58 -15.53
N SER B 275 9.65 10.55 -16.21
CA SER B 275 8.56 10.33 -17.20
C SER B 275 9.07 9.51 -18.38
N LEU B 276 10.39 9.54 -18.64
CA LEU B 276 10.98 8.78 -19.76
C LEU B 276 11.21 7.33 -19.33
N TYR B 277 11.83 7.15 -18.16
CA TYR B 277 12.22 5.82 -17.63
C TYR B 277 10.97 5.06 -17.18
N THR B 278 9.90 5.80 -16.83
CA THR B 278 8.63 5.24 -16.30
C THR B 278 8.00 4.31 -17.34
N ASN B 279 8.78 3.82 -18.31
CA ASN B 279 8.72 2.42 -18.80
C ASN B 279 8.63 2.43 -20.34
N ARG B 280 7.86 1.51 -20.92
CA ARG B 280 7.74 1.26 -22.39
C ARG B 280 9.02 0.54 -22.87
N GLU B 281 9.26 0.45 -24.17
CA GLU B 281 10.55 -0.06 -24.73
C GLU B 281 11.49 1.14 -24.92
N LEU B 282 11.47 2.11 -24.00
CA LEU B 282 12.27 3.36 -24.07
C LEU B 282 13.68 3.11 -23.52
N PHE B 283 13.86 2.11 -22.67
CA PHE B 283 15.17 1.75 -22.04
C PHE B 283 16.28 1.71 -23.07
N PRO B 284 16.13 0.96 -24.19
CA PRO B 284 17.16 0.92 -25.23
C PRO B 284 17.70 2.31 -25.55
N LYS B 285 16.80 3.28 -25.80
CA LYS B 285 17.16 4.66 -26.19
C LYS B 285 17.84 5.36 -25.01
N LEU B 286 17.43 5.02 -23.77
CA LEU B 286 17.97 5.56 -22.49
C LEU B 286 19.33 4.92 -22.16
N GLU B 287 19.58 3.70 -22.67
CA GLU B 287 20.75 2.81 -22.34
C GLU B 287 22.00 3.63 -22.10
N LEU B 288 22.59 4.18 -23.16
CA LEU B 288 23.88 4.91 -23.10
C LEU B 288 23.78 6.05 -22.06
N PHE B 289 22.68 6.80 -22.06
CA PHE B 289 22.47 7.98 -21.17
C PHE B 289 22.66 7.58 -19.72
N THR B 290 22.19 6.38 -19.36
CA THR B 290 22.24 5.80 -17.98
C THR B 290 23.71 5.62 -17.56
N ASN B 291 24.50 4.85 -18.32
CA ASN B 291 25.97 4.68 -18.13
C ASN B 291 26.63 6.05 -17.96
N ARG B 292 26.31 6.98 -18.87
CA ARG B 292 27.05 8.26 -19.02
C ARG B 292 26.85 9.11 -17.76
N PHE B 293 25.67 9.04 -17.13
CA PHE B 293 25.26 9.95 -16.03
C PHE B 293 24.85 9.16 -14.76
N LYS B 294 24.98 7.83 -14.75
CA LYS B 294 24.58 6.99 -13.58
C LYS B 294 25.20 7.59 -12.31
N ASP B 295 26.48 7.97 -12.33
CA ASP B 295 27.19 8.54 -11.15
C ASP B 295 26.38 9.75 -10.64
N ARG B 296 26.12 10.73 -11.51
CA ARG B 296 25.58 12.05 -11.11
C ARG B 296 24.12 11.91 -10.70
N ILE B 297 23.42 10.91 -11.23
CA ILE B 297 21.99 10.65 -10.89
C ILE B 297 21.95 10.21 -9.42
N VAL B 298 22.51 9.03 -9.18
CA VAL B 298 22.79 8.39 -7.86
C VAL B 298 23.17 9.41 -6.77
N SER B 299 24.07 10.39 -7.02
CA SER B 299 24.52 11.39 -6.00
C SER B 299 23.31 12.08 -5.35
N MET B 300 22.32 12.41 -6.17
CA MET B 300 21.20 13.29 -5.77
C MET B 300 20.19 12.55 -4.90
N THR B 301 20.29 11.21 -4.76
CA THR B 301 19.46 10.41 -3.81
C THR B 301 19.59 11.01 -2.41
N LEU B 302 20.79 11.45 -2.03
CA LEU B 302 21.04 12.18 -0.75
C LEU B 302 21.37 13.63 -1.13
N ASP B 303 20.49 14.29 -1.87
CA ASP B 303 20.84 15.53 -2.62
C ASP B 303 21.20 16.63 -1.63
N LYS B 304 20.38 16.82 -0.60
CA LYS B 304 20.45 17.98 0.34
C LYS B 304 19.04 18.53 0.52
N GLU B 305 18.40 18.87 -0.60
CA GLU B 305 16.97 19.24 -0.65
C GLU B 305 16.16 17.95 -0.52
N TYR B 306 15.45 17.79 0.59
CA TYR B 306 14.39 16.78 0.72
C TYR B 306 13.34 17.18 -0.31
N ASP B 307 13.22 16.41 -1.38
CA ASP B 307 12.24 16.55 -2.50
C ASP B 307 13.00 16.22 -3.78
N VAL B 308 14.14 16.86 -4.01
CA VAL B 308 15.14 16.43 -5.04
C VAL B 308 15.55 15.03 -4.61
N ALA B 309 15.99 14.94 -3.36
CA ALA B 309 16.40 13.69 -2.69
C ALA B 309 15.37 12.62 -3.04
N VAL B 310 14.11 12.86 -2.65
CA VAL B 310 12.96 11.94 -2.89
C VAL B 310 12.95 11.53 -4.37
N GLU B 311 12.93 12.51 -5.26
CA GLU B 311 12.65 12.31 -6.71
C GLU B 311 13.78 11.50 -7.33
N ALA B 312 15.02 11.77 -6.93
CA ALA B 312 16.22 11.02 -7.37
C ALA B 312 16.07 9.56 -6.95
N ILE B 313 15.58 9.32 -5.72
CA ILE B 313 15.31 7.93 -5.24
C ILE B 313 14.25 7.35 -6.17
N ARG B 314 13.14 8.06 -6.40
CA ARG B 314 12.07 7.53 -7.30
C ARG B 314 12.68 7.23 -8.68
N LEU B 315 13.59 8.10 -9.17
CA LEU B 315 14.24 7.94 -10.49
C LEU B 315 15.02 6.63 -10.49
N VAL B 316 15.98 6.54 -9.56
CA VAL B 316 16.95 5.43 -9.43
C VAL B 316 16.16 4.11 -9.37
N THR B 317 15.05 4.08 -8.60
CA THR B 317 14.18 2.88 -8.48
C THR B 317 13.73 2.52 -9.90
N LEU B 318 13.08 3.48 -10.57
CA LEU B 318 12.49 3.32 -11.93
C LEU B 318 13.57 2.82 -12.89
N ILE B 319 14.76 3.42 -12.83
CA ILE B 319 15.94 2.97 -13.62
C ILE B 319 16.24 1.52 -13.25
N LEU B 320 16.30 1.19 -11.95
CA LEU B 320 16.66 -0.17 -11.46
C LEU B 320 15.75 -1.20 -12.14
N HIS B 321 14.42 -1.02 -12.02
CA HIS B 321 13.41 -1.94 -12.60
C HIS B 321 13.42 -1.77 -14.14
N GLY B 322 14.17 -2.62 -14.87
CA GLY B 322 14.40 -2.45 -16.32
C GLY B 322 15.11 -3.64 -16.96
N GLY C 4 12.25 -37.69 35.07
CA GLY C 4 11.16 -37.98 36.06
C GLY C 4 9.84 -38.36 35.39
N THR C 5 8.81 -37.54 35.59
CA THR C 5 7.38 -37.75 35.17
C THR C 5 7.23 -37.22 33.74
N LEU C 6 6.30 -37.74 32.95
CA LEU C 6 6.01 -37.19 31.59
C LEU C 6 5.66 -35.71 31.69
N PHE C 7 4.74 -35.38 32.60
CA PHE C 7 4.38 -33.98 32.97
C PHE C 7 5.62 -33.12 33.27
N GLU C 8 6.57 -33.62 34.07
CA GLU C 8 7.73 -32.83 34.56
C GLU C 8 8.55 -32.47 33.32
N VAL C 9 8.94 -33.50 32.57
CA VAL C 9 9.80 -33.40 31.36
C VAL C 9 9.12 -32.52 30.31
N VAL C 10 7.79 -32.53 30.20
CA VAL C 10 7.07 -31.73 29.17
C VAL C 10 7.11 -30.27 29.64
N LYS C 11 6.83 -30.04 30.93
CA LYS C 11 6.89 -28.69 31.58
C LYS C 11 8.29 -28.11 31.34
N LEU C 12 9.32 -28.82 31.82
CA LEU C 12 10.76 -28.39 31.80
C LEU C 12 11.20 -28.10 30.36
N GLY C 13 10.88 -29.00 29.43
CA GLY C 13 10.98 -28.79 27.98
C GLY C 13 12.39 -28.50 27.53
N LYS C 14 13.39 -29.20 28.08
CA LYS C 14 14.81 -29.07 27.64
C LYS C 14 15.02 -29.84 26.34
N SER C 15 15.52 -29.17 25.28
CA SER C 15 15.95 -29.86 24.05
C SER C 15 17.07 -30.82 24.38
N ALA C 16 17.57 -31.59 23.41
CA ALA C 16 18.67 -32.56 23.60
C ALA C 16 19.97 -31.79 23.90
N MET C 17 20.12 -30.60 23.28
CA MET C 17 21.36 -29.76 23.39
C MET C 17 21.40 -29.06 24.75
N GLN C 18 20.28 -28.46 25.17
CA GLN C 18 20.09 -27.94 26.55
C GLN C 18 20.47 -29.03 27.58
N SER C 19 20.20 -30.30 27.27
CA SER C 19 20.36 -31.44 28.20
C SER C 19 21.82 -31.88 28.26
N VAL C 20 22.47 -32.01 27.10
CA VAL C 20 23.88 -32.48 26.98
C VAL C 20 24.81 -31.39 27.52
N VAL C 21 24.39 -30.11 27.44
CA VAL C 21 25.12 -28.94 28.02
C VAL C 21 25.02 -28.99 29.55
N ASP C 22 23.87 -29.36 30.11
CA ASP C 22 23.71 -29.52 31.58
C ASP C 22 24.62 -30.66 32.06
N ASP C 23 24.61 -31.76 31.31
CA ASP C 23 25.50 -32.95 31.50
C ASP C 23 26.95 -32.47 31.55
N TRP C 24 27.38 -31.73 30.52
CA TRP C 24 28.76 -31.21 30.34
C TRP C 24 29.18 -30.37 31.55
N ILE C 25 28.32 -29.46 32.00
CA ILE C 25 28.58 -28.53 33.15
C ILE C 25 28.90 -29.35 34.41
N GLU C 26 28.17 -30.44 34.65
CA GLU C 26 28.52 -31.35 35.78
C GLU C 26 29.92 -31.94 35.49
N SER C 27 30.07 -32.63 34.35
CA SER C 27 31.33 -33.23 33.83
C SER C 27 32.52 -32.28 34.05
N TYR C 28 32.27 -30.96 33.95
CA TYR C 28 33.30 -29.89 34.05
C TYR C 28 33.58 -29.60 35.54
N LYS C 29 32.51 -29.45 36.34
CA LYS C 29 32.60 -29.29 37.82
C LYS C 29 33.30 -30.53 38.42
N GLN C 30 33.16 -31.68 37.76
CA GLN C 30 33.85 -32.95 38.10
C GLN C 30 35.34 -32.80 37.73
N ASP C 31 35.70 -33.01 36.46
CA ASP C 31 37.12 -32.95 35.96
C ASP C 31 37.19 -32.01 34.75
N ARG C 32 37.61 -30.76 34.97
CA ARG C 32 37.74 -29.69 33.93
C ARG C 32 38.44 -30.25 32.68
N ASP C 33 39.31 -31.24 32.85
CA ASP C 33 40.24 -31.70 31.78
C ASP C 33 39.49 -32.59 30.79
N ILE C 34 38.86 -33.68 31.26
CA ILE C 34 38.02 -34.59 30.41
C ILE C 34 36.92 -33.76 29.72
N ALA C 35 36.34 -32.80 30.46
CA ALA C 35 35.21 -31.94 30.03
C ALA C 35 35.65 -31.08 28.83
N LEU C 36 36.70 -30.28 28.99
CA LEU C 36 37.29 -29.46 27.88
C LEU C 36 37.81 -30.37 26.77
N LEU C 37 38.40 -31.52 27.10
CA LEU C 37 38.87 -32.50 26.08
C LEU C 37 37.70 -32.88 25.15
N ASP C 38 36.49 -33.09 25.71
CA ASP C 38 35.25 -33.38 24.93
C ASP C 38 34.79 -32.14 24.15
N LEU C 39 34.92 -30.94 24.73
CA LEU C 39 34.59 -29.68 24.01
C LEU C 39 35.53 -29.55 22.80
N ILE C 40 36.80 -29.95 22.97
CA ILE C 40 37.85 -29.85 21.91
C ILE C 40 37.50 -30.88 20.84
N ASN C 41 37.24 -32.12 21.25
CA ASN C 41 36.93 -33.23 20.31
C ASN C 41 35.63 -32.90 19.57
N PHE C 42 34.73 -32.14 20.20
CA PHE C 42 33.48 -31.61 19.60
C PHE C 42 33.82 -30.63 18.46
N PHE C 43 34.62 -29.59 18.74
CA PHE C 43 35.00 -28.54 17.75
C PHE C 43 35.79 -29.16 16.59
N ILE C 44 36.61 -30.17 16.87
CA ILE C 44 37.44 -30.88 15.86
C ILE C 44 36.50 -31.62 14.89
N GLN C 45 35.59 -32.42 15.43
CA GLN C 45 34.61 -33.25 14.68
C GLN C 45 33.66 -32.32 13.89
N CYS C 46 33.31 -31.16 14.47
CA CYS C 46 32.52 -30.09 13.79
C CYS C 46 33.34 -29.58 12.59
N SER C 47 34.64 -29.36 12.78
CA SER C 47 35.57 -28.75 11.79
C SER C 47 35.63 -29.59 10.50
N GLY C 48 35.41 -30.91 10.61
CA GLY C 48 35.54 -31.89 9.52
C GLY C 48 36.33 -33.10 9.98
N CYS C 49 37.56 -32.88 10.47
CA CYS C 49 38.54 -33.93 10.89
C CYS C 49 37.87 -34.96 11.80
N ARG C 50 38.33 -36.22 11.76
CA ARG C 50 37.75 -37.39 12.51
C ARG C 50 38.38 -37.46 13.90
N GLY C 51 38.49 -36.32 14.58
CA GLY C 51 39.40 -36.13 15.72
C GLY C 51 38.94 -36.87 16.96
N THR C 52 39.90 -37.38 17.73
CA THR C 52 39.72 -38.00 19.06
C THR C 52 41.07 -37.96 19.79
N VAL C 53 41.40 -36.78 20.32
CA VAL C 53 42.51 -36.50 21.29
C VAL C 53 42.26 -37.33 22.55
N ARG C 54 43.31 -37.91 23.16
CA ARG C 54 43.25 -38.58 24.50
C ARG C 54 43.73 -37.60 25.56
N ILE C 55 43.46 -37.88 26.84
CA ILE C 55 43.65 -36.92 27.97
C ILE C 55 45.15 -36.59 28.10
N GLU C 56 46.01 -37.61 28.01
CA GLU C 56 47.47 -37.48 28.29
C GLU C 56 48.09 -36.55 27.23
N MET C 57 47.67 -36.64 25.96
CA MET C 57 48.18 -35.78 24.86
C MET C 57 47.38 -34.47 24.79
N PHE C 58 46.50 -34.20 25.77
CA PHE C 58 45.79 -32.91 25.95
C PHE C 58 46.54 -32.04 26.97
N ARG C 59 47.03 -32.64 28.05
CA ARG C 59 47.68 -31.95 29.20
C ARG C 59 49.14 -31.65 28.83
N ASN C 60 49.84 -32.64 28.27
CA ASN C 60 51.23 -32.52 27.79
C ASN C 60 51.20 -32.45 26.24
N MET C 61 50.59 -31.40 25.70
CA MET C 61 50.69 -30.91 24.29
C MET C 61 50.09 -29.50 24.23
N GLN C 62 50.27 -28.79 23.10
CA GLN C 62 49.80 -27.39 22.86
C GLN C 62 48.83 -27.40 21.67
N ASN C 63 48.10 -26.29 21.46
CA ASN C 63 47.03 -26.20 20.42
C ASN C 63 47.65 -26.44 19.04
N ALA C 64 48.76 -25.76 18.74
CA ALA C 64 49.49 -25.78 17.45
C ALA C 64 49.78 -27.22 17.00
N GLU C 65 50.07 -28.13 17.93
CA GLU C 65 50.34 -29.57 17.66
C GLU C 65 49.05 -30.28 17.27
N ILE C 66 47.94 -30.01 18.00
CA ILE C 66 46.59 -30.60 17.72
C ILE C 66 46.17 -30.16 16.31
N ILE C 67 46.53 -28.94 15.89
CA ILE C 67 46.24 -28.40 14.52
C ILE C 67 47.04 -29.18 13.46
N ARG C 68 48.37 -29.25 13.59
CA ARG C 68 49.25 -30.02 12.66
C ARG C 68 48.66 -31.44 12.54
N LYS C 69 48.53 -32.11 13.69
CA LYS C 69 48.00 -33.49 13.82
C LYS C 69 46.70 -33.58 13.00
N MET C 70 45.80 -32.62 13.22
CA MET C 70 44.49 -32.50 12.52
C MET C 70 44.69 -32.25 11.03
N THR C 71 45.29 -31.11 10.66
CA THR C 71 45.52 -30.71 9.25
C THR C 71 45.76 -31.97 8.41
N GLU C 72 46.72 -32.80 8.84
CA GLU C 72 47.19 -34.04 8.16
C GLU C 72 46.05 -35.06 7.95
N GLU C 73 44.94 -34.99 8.70
CA GLU C 73 43.82 -35.97 8.64
C GLU C 73 43.01 -35.84 7.34
N PHE C 74 43.27 -34.83 6.51
CA PHE C 74 42.68 -34.63 5.16
C PHE C 74 43.74 -34.88 4.07
N TYR C 81 32.84 -31.42 4.65
CA TYR C 81 32.82 -31.15 6.12
C TYR C 81 31.45 -30.61 6.54
N PRO C 82 31.01 -30.85 7.80
CA PRO C 82 29.60 -30.73 8.17
C PRO C 82 28.86 -29.45 7.75
N LEU C 83 29.52 -28.28 7.83
CA LEU C 83 28.85 -26.97 7.63
C LEU C 83 28.33 -26.84 6.18
N THR C 84 28.89 -27.62 5.25
CA THR C 84 28.54 -27.61 3.80
C THR C 84 28.31 -29.04 3.27
N MET C 85 28.28 -30.06 4.16
CA MET C 85 27.95 -31.46 3.78
C MET C 85 26.46 -31.56 3.51
N PRO C 86 26.06 -32.09 2.34
CA PRO C 86 24.65 -32.25 1.99
C PRO C 86 24.07 -33.56 2.53
N GLY C 87 22.76 -33.76 2.38
CA GLY C 87 22.03 -34.97 2.80
C GLY C 87 20.97 -34.66 3.85
N PRO C 88 20.20 -35.68 4.30
CA PRO C 88 19.13 -35.46 5.28
C PRO C 88 19.66 -35.04 6.65
N GLN C 89 20.74 -35.67 7.11
CA GLN C 89 21.23 -35.61 8.53
C GLN C 89 22.39 -34.61 8.70
N TRP C 90 22.68 -33.74 7.70
CA TRP C 90 23.63 -32.61 7.80
C TRP C 90 22.92 -31.28 7.52
N LYS C 91 21.62 -31.32 7.20
CA LYS C 91 20.87 -30.14 6.71
C LYS C 91 20.79 -29.13 7.84
N LYS C 92 20.51 -29.62 9.05
CA LYS C 92 20.19 -28.79 10.25
C LYS C 92 21.47 -28.33 10.94
N PHE C 93 22.62 -28.90 10.57
CA PHE C 93 23.89 -28.79 11.36
C PHE C 93 24.20 -27.33 11.69
N ARG C 94 24.20 -26.41 10.71
CA ARG C 94 24.66 -25.02 10.93
C ARG C 94 23.81 -24.41 12.06
N SER C 95 22.50 -24.42 11.87
CA SER C 95 21.53 -23.94 12.85
C SER C 95 21.98 -24.43 14.23
N ASN C 96 22.15 -25.76 14.36
CA ASN C 96 22.27 -26.46 15.66
C ASN C 96 23.59 -26.05 16.32
N PHE C 97 24.68 -26.14 15.58
CA PHE C 97 26.02 -25.63 15.97
C PHE C 97 25.84 -24.28 16.67
N CYS C 98 25.30 -23.28 15.97
CA CYS C 98 25.09 -21.91 16.50
C CYS C 98 24.18 -21.89 17.74
N GLU C 99 23.21 -22.79 17.84
CA GLU C 99 22.28 -22.83 19.00
C GLU C 99 23.07 -23.35 20.20
N PHE C 100 23.88 -24.38 19.98
CA PHE C 100 24.67 -25.09 21.02
C PHE C 100 25.63 -24.11 21.70
N ILE C 101 26.29 -23.29 20.88
CA ILE C 101 27.33 -22.33 21.34
C ILE C 101 26.63 -21.26 22.20
N GLY C 102 25.41 -20.89 21.83
CA GLY C 102 24.61 -19.90 22.55
C GLY C 102 24.13 -20.45 23.86
N VAL C 103 23.77 -21.72 23.90
CA VAL C 103 23.29 -22.43 25.13
C VAL C 103 24.48 -22.68 26.06
N LEU C 104 25.58 -23.24 25.53
CA LEU C 104 26.82 -23.54 26.30
C LEU C 104 27.23 -22.28 27.07
N ILE C 105 27.17 -21.10 26.45
CA ILE C 105 27.67 -19.85 27.08
C ILE C 105 26.59 -19.35 28.04
N ARG C 106 25.33 -19.30 27.61
CA ARG C 106 24.18 -18.92 28.49
C ARG C 106 24.28 -19.70 29.80
N GLN C 107 24.49 -21.01 29.73
CA GLN C 107 24.41 -21.93 30.91
C GLN C 107 25.72 -21.92 31.70
N CYS C 108 26.83 -21.44 31.12
CA CYS C 108 28.12 -21.30 31.84
C CYS C 108 28.29 -19.85 32.30
N GLN C 109 27.32 -18.98 32.04
CA GLN C 109 27.54 -17.51 32.04
C GLN C 109 27.78 -16.98 33.46
N TYR C 110 27.38 -17.72 34.52
CA TYR C 110 27.29 -17.19 35.91
C TYR C 110 28.48 -17.61 36.78
N SER C 111 29.29 -18.56 36.34
CA SER C 111 30.56 -18.90 37.02
C SER C 111 31.57 -19.46 36.01
N ILE C 112 31.30 -20.61 35.38
CA ILE C 112 32.32 -21.36 34.59
C ILE C 112 33.05 -20.43 33.59
N ILE C 113 32.35 -19.43 33.04
CA ILE C 113 32.88 -18.49 31.99
C ILE C 113 34.08 -17.72 32.57
N TYR C 114 33.94 -17.27 33.83
CA TYR C 114 34.88 -16.41 34.60
C TYR C 114 36.11 -17.19 35.11
N ASP C 115 35.99 -18.49 35.36
CA ASP C 115 37.19 -19.34 35.57
C ASP C 115 38.04 -19.08 34.34
N GLU C 116 39.37 -19.05 34.50
CA GLU C 116 40.28 -18.45 33.48
C GLU C 116 40.89 -19.61 32.69
N TYR C 117 40.15 -20.72 32.56
CA TYR C 117 40.61 -21.98 31.91
C TYR C 117 39.61 -22.39 30.81
N MET C 118 38.29 -22.36 31.08
CA MET C 118 37.22 -22.81 30.15
C MET C 118 37.25 -21.99 28.85
N MET C 119 37.14 -20.67 28.93
CA MET C 119 37.10 -19.79 27.74
C MET C 119 38.47 -19.74 27.04
N ASP C 120 39.52 -19.39 27.78
CA ASP C 120 40.88 -19.26 27.22
C ASP C 120 41.19 -20.46 26.32
N THR C 121 40.71 -21.66 26.66
CA THR C 121 40.99 -22.93 25.94
C THR C 121 40.20 -22.93 24.62
N VAL C 122 38.92 -22.55 24.69
CA VAL C 122 37.96 -22.55 23.54
C VAL C 122 38.42 -21.48 22.54
N ILE C 123 38.70 -20.25 23.01
CA ILE C 123 39.15 -19.10 22.15
C ILE C 123 40.47 -19.48 21.47
N SER C 124 41.41 -20.03 22.26
CA SER C 124 42.72 -20.50 21.75
C SER C 124 42.48 -21.42 20.56
N LEU C 125 41.80 -22.55 20.78
CA LEU C 125 41.51 -23.56 19.71
C LEU C 125 40.89 -22.87 18.49
N LEU C 126 40.00 -21.90 18.72
CA LEU C 126 39.27 -21.18 17.64
C LEU C 126 40.28 -20.29 16.92
N THR C 127 40.90 -19.36 17.65
CA THR C 127 41.89 -18.40 17.11
C THR C 127 42.92 -19.15 16.25
N GLY C 128 43.39 -20.30 16.73
CA GLY C 128 44.25 -21.23 15.97
C GLY C 128 43.60 -21.62 14.66
N LEU C 129 42.63 -22.53 14.71
CA LEU C 129 41.85 -23.03 13.54
C LEU C 129 41.47 -21.87 12.60
N SER C 130 41.30 -20.64 13.15
CA SER C 130 40.92 -19.39 12.43
C SER C 130 41.99 -19.02 11.39
N ASP C 131 43.16 -19.68 11.41
CA ASP C 131 44.33 -19.36 10.54
C ASP C 131 44.65 -20.51 9.61
N SER C 132 44.24 -21.73 9.93
CA SER C 132 44.47 -22.92 9.07
C SER C 132 44.27 -22.54 7.60
N GLN C 133 45.14 -23.06 6.73
CA GLN C 133 45.06 -22.92 5.25
C GLN C 133 43.89 -23.76 4.73
N VAL C 134 43.30 -24.61 5.58
CA VAL C 134 42.06 -25.38 5.27
C VAL C 134 40.83 -24.48 5.49
N ARG C 135 39.95 -24.47 4.48
CA ARG C 135 38.59 -23.87 4.50
C ARG C 135 37.86 -24.41 5.74
N ALA C 136 37.59 -25.71 5.77
CA ALA C 136 36.75 -26.42 6.77
C ALA C 136 37.06 -25.93 8.19
N PHE C 137 38.34 -25.85 8.53
CA PHE C 137 38.82 -25.38 9.86
C PHE C 137 38.51 -23.89 9.98
N ARG C 138 38.95 -23.09 9.01
CA ARG C 138 38.80 -21.61 9.05
C ARG C 138 37.29 -21.25 9.13
N HIS C 139 36.44 -21.90 8.33
CA HIS C 139 34.97 -21.65 8.29
C HIS C 139 34.39 -21.91 9.69
N THR C 140 34.36 -23.17 10.14
CA THR C 140 33.74 -23.63 11.43
C THR C 140 34.27 -22.81 12.61
N SER C 141 35.57 -22.55 12.65
CA SER C 141 36.22 -21.76 13.72
C SER C 141 35.64 -20.33 13.73
N THR C 142 35.47 -19.73 12.55
CA THR C 142 35.06 -18.31 12.39
C THR C 142 33.60 -18.17 12.80
N LEU C 143 32.76 -19.09 12.30
CA LEU C 143 31.32 -19.12 12.60
C LEU C 143 31.16 -19.17 14.12
N ALA C 144 31.71 -20.22 14.76
CA ALA C 144 31.70 -20.42 16.23
C ALA C 144 32.20 -19.17 16.96
N ALA C 145 33.33 -18.62 16.50
CA ALA C 145 33.94 -17.37 17.01
C ALA C 145 32.88 -16.25 17.03
N MET C 146 32.29 -15.99 15.87
CA MET C 146 31.26 -14.93 15.72
C MET C 146 30.06 -15.23 16.65
N LYS C 147 29.68 -16.50 16.81
CA LYS C 147 28.49 -16.88 17.63
C LYS C 147 28.83 -16.77 19.12
N LEU C 148 30.01 -17.25 19.49
CA LEU C 148 30.56 -17.12 20.86
C LEU C 148 30.59 -15.62 21.22
N MET C 149 31.19 -14.84 20.35
CA MET C 149 31.16 -13.37 20.46
C MET C 149 29.73 -12.89 20.79
N THR C 150 28.71 -13.26 20.00
CA THR C 150 27.33 -12.75 20.20
C THR C 150 26.77 -13.28 21.52
N ALA C 151 27.02 -14.56 21.84
CA ALA C 151 26.69 -15.20 23.12
C ALA C 151 27.21 -14.34 24.28
N LEU C 152 28.46 -13.85 24.16
CA LEU C 152 29.14 -13.03 25.21
C LEU C 152 28.51 -11.63 25.27
N VAL C 153 28.15 -11.03 24.13
CA VAL C 153 27.38 -9.74 24.07
C VAL C 153 26.07 -9.90 24.85
N ASN C 154 25.45 -11.08 24.86
CA ASN C 154 24.26 -11.35 25.71
C ASN C 154 24.72 -11.44 27.16
N VAL C 155 25.70 -12.26 27.46
CA VAL C 155 26.26 -12.32 28.84
C VAL C 155 26.40 -10.88 29.34
N ALA C 156 26.98 -10.00 28.52
CA ALA C 156 27.34 -8.61 28.90
C ALA C 156 26.07 -7.78 28.98
N LEU C 157 25.14 -8.02 28.04
CA LEU C 157 23.84 -7.31 27.98
C LEU C 157 23.06 -7.63 29.27
N ASN C 158 23.15 -8.88 29.74
CA ASN C 158 22.61 -9.38 31.05
C ASN C 158 23.21 -8.60 32.21
N LEU C 159 24.54 -8.58 32.32
CA LEU C 159 25.29 -7.87 33.41
C LEU C 159 24.87 -6.40 33.47
N SER C 160 24.83 -5.67 32.35
CA SER C 160 24.49 -4.22 32.29
C SER C 160 23.05 -3.96 32.78
N ILE C 161 22.18 -4.97 32.81
CA ILE C 161 20.78 -4.86 33.33
C ILE C 161 20.82 -4.95 34.86
N HIS C 162 21.66 -5.84 35.40
CA HIS C 162 22.01 -5.93 36.84
C HIS C 162 22.76 -4.67 37.30
N GLN C 163 23.53 -4.02 36.41
CA GLN C 163 24.34 -2.81 36.74
C GLN C 163 23.38 -1.62 36.85
N ASP C 164 22.25 -1.68 36.15
CA ASP C 164 21.14 -0.70 36.26
C ASP C 164 20.40 -0.93 37.57
N ASN C 165 20.05 -2.19 37.84
CA ASN C 165 19.27 -2.59 39.04
C ASN C 165 20.06 -2.26 40.32
N THR C 166 21.40 -2.24 40.24
CA THR C 166 22.31 -1.87 41.35
C THR C 166 22.36 -0.35 41.51
N GLN C 167 22.48 0.40 40.41
CA GLN C 167 22.58 1.89 40.39
C GLN C 167 21.25 2.53 40.84
N ARG C 168 20.12 1.83 40.67
CA ARG C 168 18.77 2.30 41.10
C ARG C 168 18.46 1.80 42.52
N GLN C 169 19.00 0.64 42.92
CA GLN C 169 18.97 0.14 44.32
C GLN C 169 19.83 1.06 45.22
N TYR C 170 20.70 1.88 44.62
CA TYR C 170 21.50 2.95 45.28
C TYR C 170 20.55 4.07 45.73
N GLU C 171 19.64 4.49 44.84
CA GLU C 171 18.66 5.58 45.05
C GLU C 171 17.59 5.12 46.07
N GLU C 187 24.60 0.23 51.14
CA GLU C 187 25.85 -0.25 51.79
C GLU C 187 26.42 -1.44 50.99
N LEU C 188 25.68 -2.55 50.92
CA LEU C 188 26.00 -3.80 50.16
C LEU C 188 26.15 -3.49 48.66
N LEU C 189 25.55 -2.37 48.23
CA LEU C 189 25.25 -2.01 46.82
C LEU C 189 26.54 -1.62 46.08
N LEU C 190 27.39 -0.78 46.68
CA LEU C 190 28.70 -0.37 46.08
C LEU C 190 29.51 -1.63 45.74
N GLN C 191 29.51 -2.65 46.61
CA GLN C 191 30.33 -3.87 46.42
C GLN C 191 29.81 -4.65 45.20
N LYS C 192 28.48 -4.72 45.01
CA LYS C 192 27.87 -5.36 43.81
C LYS C 192 28.36 -4.63 42.55
N ARG C 193 28.23 -3.30 42.48
CA ARG C 193 28.71 -2.46 41.35
C ARG C 193 30.14 -2.86 40.99
N LYS C 194 31.00 -3.11 41.98
CA LYS C 194 32.45 -3.40 41.76
C LYS C 194 32.63 -4.85 41.28
N GLU C 195 31.83 -5.80 41.78
CA GLU C 195 31.83 -7.21 41.28
C GLU C 195 31.34 -7.23 39.83
N LEU C 196 30.21 -6.55 39.55
CA LEU C 196 29.58 -6.54 38.20
C LEU C 196 30.62 -6.07 37.18
N GLN C 197 31.31 -4.97 37.48
CA GLN C 197 32.30 -4.36 36.55
C GLN C 197 33.49 -5.30 36.37
N GLU C 198 33.98 -5.92 37.43
CA GLU C 198 35.13 -6.86 37.32
C GLU C 198 34.70 -8.00 36.37
N ASN C 199 33.42 -8.38 36.43
CA ASN C 199 32.81 -9.35 35.48
C ASN C 199 32.86 -8.77 34.06
N GLN C 200 32.12 -7.68 33.82
CA GLN C 200 32.08 -6.99 32.49
C GLN C 200 33.47 -7.11 31.86
N ASP C 201 34.47 -6.57 32.55
CA ASP C 201 35.88 -6.45 32.08
C ASP C 201 36.39 -7.82 31.63
N GLU C 202 36.12 -8.88 32.40
CA GLU C 202 36.51 -10.26 32.01
C GLU C 202 35.81 -10.65 30.70
N ILE C 203 34.55 -10.22 30.50
CA ILE C 203 33.79 -10.44 29.22
C ILE C 203 34.49 -9.69 28.09
N GLU C 204 34.70 -8.37 28.25
CA GLU C 204 35.38 -7.54 27.22
C GLU C 204 36.72 -8.16 26.81
N ASN C 205 37.43 -8.85 27.70
CA ASN C 205 38.69 -9.57 27.32
C ASN C 205 38.36 -10.62 26.27
N MET C 206 37.42 -11.50 26.58
CA MET C 206 37.08 -12.64 25.69
C MET C 206 36.57 -12.07 24.36
N MET C 207 35.88 -10.91 24.38
CA MET C 207 35.37 -10.27 23.16
C MET C 207 36.56 -9.74 22.36
N ASN C 208 37.32 -8.85 23.02
CA ASN C 208 38.60 -8.36 22.48
C ASN C 208 39.37 -9.55 21.87
N SER C 209 39.50 -10.65 22.58
CA SER C 209 40.41 -11.76 22.18
C SER C 209 39.93 -12.39 20.85
N ILE C 210 38.63 -12.67 20.74
CA ILE C 210 37.96 -13.19 19.51
C ILE C 210 38.03 -12.11 18.44
N PHE C 211 37.62 -10.87 18.78
CA PHE C 211 37.51 -9.76 17.81
C PHE C 211 38.87 -9.60 17.11
N LYS C 212 39.87 -9.09 17.85
CA LYS C 212 41.22 -8.71 17.35
C LYS C 212 41.94 -9.95 16.80
N GLY C 213 41.59 -11.16 17.28
CA GLY C 213 42.32 -12.41 16.94
C GLY C 213 41.72 -13.17 15.78
N ILE C 214 40.37 -13.15 15.64
CA ILE C 214 39.61 -13.86 14.58
C ILE C 214 38.93 -12.81 13.68
N PHE C 215 38.14 -11.86 14.22
CA PHE C 215 37.27 -10.99 13.38
C PHE C 215 38.12 -10.30 12.30
N VAL C 216 38.98 -9.38 12.75
CA VAL C 216 39.72 -8.40 11.91
C VAL C 216 40.53 -9.12 10.83
N HIS C 217 41.01 -10.32 11.09
CA HIS C 217 41.62 -11.16 10.03
C HIS C 217 40.48 -11.66 9.16
N ARG C 218 39.61 -12.53 9.71
CA ARG C 218 38.57 -13.31 8.99
C ARG C 218 37.59 -12.43 8.19
N TYR C 219 37.42 -11.15 8.49
CA TYR C 219 36.46 -10.34 7.69
C TYR C 219 37.04 -10.03 6.31
N ARG C 220 38.35 -10.24 6.11
CA ARG C 220 39.08 -10.14 4.81
C ARG C 220 39.30 -11.54 4.21
N ASP C 221 38.78 -12.60 4.84
CA ASP C 221 39.09 -14.01 4.45
C ASP C 221 39.00 -14.14 2.94
N ALA C 222 39.85 -14.95 2.33
CA ALA C 222 39.80 -15.28 0.90
C ALA C 222 38.35 -15.60 0.48
N ILE C 223 37.74 -16.57 1.16
CA ILE C 223 36.40 -17.14 0.83
C ILE C 223 35.31 -16.13 1.21
N ALA C 224 34.33 -15.95 0.32
CA ALA C 224 33.20 -14.99 0.47
C ALA C 224 32.38 -15.32 1.73
N GLU C 225 31.86 -16.55 1.83
CA GLU C 225 30.94 -17.02 2.93
C GLU C 225 31.44 -16.56 4.30
N ILE C 226 32.74 -16.72 4.57
CA ILE C 226 33.42 -16.29 5.83
C ILE C 226 33.30 -14.76 5.99
N ARG C 227 33.59 -13.98 4.94
CA ARG C 227 33.51 -12.49 5.00
C ARG C 227 32.08 -12.10 5.39
N ALA C 228 31.09 -12.83 4.86
CA ALA C 228 29.63 -12.61 5.09
C ALA C 228 29.30 -12.88 6.55
N ILE C 229 29.78 -14.03 7.06
CA ILE C 229 29.66 -14.46 8.48
C ILE C 229 30.18 -13.34 9.40
N CYS C 230 31.36 -12.80 9.16
CA CYS C 230 31.92 -11.75 10.06
C CYS C 230 31.04 -10.50 9.93
N ILE C 231 30.75 -10.06 8.71
CA ILE C 231 30.00 -8.78 8.49
C ILE C 231 28.64 -8.93 9.14
N GLU C 232 27.96 -10.06 8.91
CA GLU C 232 26.56 -10.22 9.38
C GLU C 232 26.55 -9.98 10.88
N GLU C 233 27.47 -10.64 11.59
CA GLU C 233 27.44 -10.77 13.06
C GLU C 233 27.86 -9.45 13.68
N ILE C 234 28.80 -8.74 13.07
CA ILE C 234 29.18 -7.40 13.60
C ILE C 234 27.93 -6.52 13.54
N GLY C 235 27.11 -6.72 12.51
CA GLY C 235 25.82 -6.00 12.36
C GLY C 235 24.98 -6.21 13.60
N VAL C 236 24.91 -7.47 14.03
CA VAL C 236 24.17 -7.95 15.23
C VAL C 236 24.70 -7.26 16.50
N TRP C 237 26.00 -7.35 16.78
CA TRP C 237 26.60 -6.75 18.00
C TRP C 237 26.22 -5.28 18.05
N MET C 238 26.37 -4.56 16.94
CA MET C 238 26.06 -3.11 16.88
C MET C 238 24.57 -2.91 17.19
N LYS C 239 23.69 -3.77 16.69
CA LYS C 239 22.23 -3.57 16.86
C LYS C 239 21.79 -3.92 18.29
N MET C 240 22.34 -4.99 18.91
CA MET C 240 21.84 -5.55 20.21
C MET C 240 22.51 -4.82 21.40
N TYR C 241 23.79 -4.45 21.29
CA TYR C 241 24.53 -3.68 22.32
C TYR C 241 25.08 -2.39 21.70
N SER C 242 24.17 -1.54 21.21
CA SER C 242 24.49 -0.25 20.55
C SER C 242 25.56 0.49 21.35
N ASP C 243 25.33 0.68 22.65
CA ASP C 243 26.19 1.57 23.49
C ASP C 243 27.66 1.15 23.40
N ALA C 244 27.97 -0.15 23.43
CA ALA C 244 29.35 -0.67 23.42
C ALA C 244 29.91 -0.71 21.98
N PHE C 245 29.05 -0.98 20.98
CA PHE C 245 29.48 -1.48 19.65
C PHE C 245 29.16 -0.52 18.49
N LEU C 246 28.10 0.30 18.60
CA LEU C 246 27.72 1.25 17.53
C LEU C 246 28.56 2.53 17.66
N ASN C 247 29.74 2.51 17.04
CA ASN C 247 30.72 3.61 16.99
C ASN C 247 31.62 3.40 15.77
N ASP C 248 32.56 4.32 15.56
CA ASP C 248 33.33 4.44 14.29
C ASP C 248 34.43 3.37 14.23
N SER C 249 34.85 2.79 15.36
CA SER C 249 35.87 1.70 15.37
C SER C 249 35.26 0.36 14.88
N TYR C 250 33.95 0.16 15.04
CA TYR C 250 33.25 -1.08 14.60
C TYR C 250 32.61 -0.85 13.22
N LEU C 251 32.02 0.33 12.98
CA LEU C 251 31.33 0.65 11.70
C LEU C 251 32.33 0.59 10.55
N LYS C 252 33.51 1.20 10.72
CA LYS C 252 34.52 1.28 9.63
C LYS C 252 34.65 -0.09 8.93
N TYR C 253 34.53 -1.20 9.66
CA TYR C 253 34.67 -2.58 9.09
C TYR C 253 33.53 -2.86 8.11
N VAL C 254 32.31 -2.38 8.42
CA VAL C 254 31.13 -2.54 7.51
C VAL C 254 31.36 -1.65 6.29
N GLY C 255 31.50 -0.34 6.52
CA GLY C 255 32.01 0.65 5.54
C GLY C 255 33.00 0.08 4.53
N TRP C 256 34.19 -0.36 4.99
CA TRP C 256 35.30 -0.80 4.09
C TRP C 256 34.83 -1.95 3.22
N THR C 257 33.82 -2.71 3.65
CA THR C 257 33.43 -3.99 3.00
C THR C 257 32.28 -3.73 2.02
N LEU C 258 31.66 -2.54 2.08
CA LEU C 258 30.65 -2.13 1.06
C LEU C 258 31.25 -2.40 -0.32
N HIS C 259 32.54 -2.11 -0.52
CA HIS C 259 33.32 -2.27 -1.78
C HIS C 259 33.62 -3.76 -2.05
N ASP C 260 32.73 -4.68 -1.73
CA ASP C 260 33.18 -6.10 -1.72
C ASP C 260 32.98 -6.67 -3.11
N ARG C 261 33.93 -7.51 -3.54
CA ARG C 261 33.89 -8.35 -4.75
C ARG C 261 32.51 -9.02 -4.86
N GLN C 262 32.12 -9.82 -3.86
CA GLN C 262 30.94 -10.71 -3.94
C GLN C 262 29.68 -9.97 -3.52
N GLY C 263 28.54 -10.28 -4.17
CA GLY C 263 27.22 -9.67 -3.91
C GLY C 263 26.79 -9.93 -2.48
N GLU C 264 26.58 -11.22 -2.16
CA GLU C 264 26.46 -11.82 -0.80
C GLU C 264 27.01 -10.85 0.25
N VAL C 265 28.30 -10.52 0.16
CA VAL C 265 29.00 -9.77 1.23
C VAL C 265 28.53 -8.31 1.18
N ARG C 266 28.29 -7.77 -0.02
CA ARG C 266 27.73 -6.41 -0.18
C ARG C 266 26.30 -6.39 0.39
N LEU C 267 25.53 -7.46 0.19
CA LEU C 267 24.16 -7.60 0.74
C LEU C 267 24.22 -7.41 2.27
N LYS C 268 25.10 -8.18 2.92
CA LYS C 268 25.19 -8.26 4.40
C LYS C 268 25.63 -6.90 4.94
N CYS C 269 26.48 -6.17 4.23
CA CYS C 269 26.86 -4.79 4.61
C CYS C 269 25.60 -3.90 4.68
N LEU C 270 24.62 -4.11 3.79
CA LEU C 270 23.43 -3.23 3.70
C LEU C 270 22.38 -3.70 4.72
N LYS C 271 22.18 -5.02 4.85
CA LYS C 271 21.27 -5.58 5.86
C LYS C 271 21.72 -5.13 7.26
N ALA C 272 23.00 -5.28 7.59
CA ALA C 272 23.62 -4.74 8.81
C ALA C 272 23.31 -3.24 8.96
N LEU C 273 23.55 -2.44 7.92
CA LEU C 273 23.34 -0.98 8.03
C LEU C 273 21.84 -0.63 8.09
N GLN C 274 20.98 -1.32 7.33
CA GLN C 274 19.50 -1.10 7.41
C GLN C 274 19.08 -1.17 8.87
N SER C 275 19.48 -2.25 9.56
CA SER C 275 18.99 -2.60 10.91
C SER C 275 19.32 -1.48 11.90
N LEU C 276 20.45 -0.78 11.68
CA LEU C 276 20.89 0.36 12.52
C LEU C 276 20.08 1.61 12.15
N TYR C 277 19.96 1.92 10.86
CA TYR C 277 19.36 3.19 10.38
C TYR C 277 17.82 3.17 10.53
N THR C 278 17.13 2.02 10.62
CA THR C 278 15.64 2.01 10.73
C THR C 278 15.21 2.47 12.12
N ASN C 279 16.16 2.67 13.02
CA ASN C 279 15.93 3.15 14.41
C ASN C 279 16.45 4.59 14.51
N ARG C 280 15.61 5.56 14.14
CA ARG C 280 15.78 6.99 14.53
C ARG C 280 16.14 7.00 16.02
N GLU C 281 17.22 7.68 16.39
CA GLU C 281 17.81 7.72 17.77
C GLU C 281 19.21 7.10 17.73
N LEU C 282 19.43 6.15 16.82
CA LEU C 282 20.79 5.64 16.46
C LEU C 282 21.41 6.55 15.41
N PHE C 283 20.58 7.27 14.64
CA PHE C 283 21.00 8.30 13.64
C PHE C 283 22.21 9.10 14.13
N PRO C 284 22.14 9.83 15.27
CA PRO C 284 23.29 10.60 15.75
C PRO C 284 24.61 9.82 15.64
N LYS C 285 24.59 8.55 16.03
CA LYS C 285 25.79 7.70 16.19
C LYS C 285 26.37 7.36 14.81
N LEU C 286 25.54 7.37 13.76
CA LEU C 286 25.95 7.07 12.36
C LEU C 286 26.48 8.34 11.67
N GLU C 287 26.28 9.52 12.27
CA GLU C 287 26.72 10.84 11.75
C GLU C 287 27.97 10.69 10.88
N LEU C 288 29.15 10.53 11.50
CA LEU C 288 30.47 10.53 10.79
C LEU C 288 30.52 9.37 9.81
N PHE C 289 29.78 8.28 10.07
CA PHE C 289 29.79 7.06 9.21
C PHE C 289 28.94 7.31 7.95
N THR C 290 27.86 8.09 8.08
CA THR C 290 27.03 8.53 6.92
C THR C 290 27.90 9.38 5.97
N ASN C 291 28.56 10.43 6.48
CA ASN C 291 29.40 11.36 5.66
C ASN C 291 30.56 10.59 5.01
N ARG C 292 31.32 9.81 5.78
CA ARG C 292 32.54 9.14 5.27
C ARG C 292 32.20 8.07 4.22
N PHE C 293 30.98 7.52 4.21
CA PHE C 293 30.63 6.36 3.34
C PHE C 293 29.42 6.64 2.43
N LYS C 294 28.77 7.81 2.52
CA LYS C 294 27.56 8.09 1.71
C LYS C 294 27.85 7.89 0.22
N ASP C 295 29.06 8.17 -0.25
CA ASP C 295 29.44 8.00 -1.67
C ASP C 295 29.28 6.53 -2.10
N ARG C 296 29.83 5.58 -1.32
CA ARG C 296 29.85 4.15 -1.72
C ARG C 296 28.48 3.53 -1.47
N ILE C 297 27.71 4.05 -0.53
CA ILE C 297 26.31 3.58 -0.31
C ILE C 297 25.51 3.86 -1.59
N VAL C 298 25.32 5.14 -1.95
CA VAL C 298 24.39 5.58 -3.04
C VAL C 298 24.75 4.85 -4.33
N SER C 299 26.04 4.72 -4.68
CA SER C 299 26.48 4.10 -5.94
C SER C 299 25.93 2.67 -6.05
N MET C 300 25.65 2.02 -4.92
CA MET C 300 25.15 0.62 -4.90
C MET C 300 23.66 0.59 -5.24
N THR C 301 22.96 1.74 -5.22
CA THR C 301 21.51 1.84 -5.58
C THR C 301 21.32 1.44 -7.04
N LEU C 302 22.36 1.58 -7.87
CA LEU C 302 22.51 0.92 -9.21
C LEU C 302 23.78 0.05 -9.13
N ASP C 303 23.71 -1.03 -8.34
CA ASP C 303 24.89 -1.86 -7.99
C ASP C 303 25.28 -2.65 -9.24
N LYS C 304 24.39 -3.52 -9.70
CA LYS C 304 24.62 -4.51 -10.79
C LYS C 304 23.83 -5.75 -10.42
N GLU C 305 24.14 -6.31 -9.27
CA GLU C 305 23.36 -7.39 -8.63
C GLU C 305 22.04 -6.75 -8.17
N TYR C 306 20.91 -7.16 -8.73
CA TYR C 306 19.59 -6.51 -8.51
C TYR C 306 19.30 -6.47 -7.00
N ASP C 307 19.46 -7.61 -6.34
CA ASP C 307 19.04 -7.78 -4.92
C ASP C 307 19.93 -6.90 -4.03
N VAL C 308 21.12 -6.49 -4.49
CA VAL C 308 21.98 -5.54 -3.72
C VAL C 308 21.39 -4.15 -3.89
N ALA C 309 21.14 -3.78 -5.15
CA ALA C 309 20.58 -2.47 -5.55
C ALA C 309 19.36 -2.18 -4.68
N VAL C 310 18.41 -3.14 -4.60
CA VAL C 310 17.10 -2.91 -3.92
C VAL C 310 17.38 -2.50 -2.47
N GLU C 311 18.32 -3.20 -1.83
CA GLU C 311 18.69 -2.99 -0.41
C GLU C 311 19.39 -1.63 -0.26
N ALA C 312 20.25 -1.27 -1.22
CA ALA C 312 20.96 0.03 -1.22
C ALA C 312 19.94 1.15 -1.39
N ILE C 313 18.84 0.91 -2.10
CA ILE C 313 17.76 1.93 -2.24
C ILE C 313 17.04 2.01 -0.90
N ARG C 314 16.75 0.86 -0.29
CA ARG C 314 16.09 0.76 1.04
C ARG C 314 16.98 1.52 2.04
N LEU C 315 18.30 1.32 1.95
CA LEU C 315 19.27 1.93 2.91
C LEU C 315 19.27 3.45 2.70
N VAL C 316 19.38 3.89 1.43
CA VAL C 316 19.47 5.33 1.10
C VAL C 316 18.14 6.01 1.46
N THR C 317 16.99 5.43 1.09
CA THR C 317 15.68 6.01 1.50
C THR C 317 15.62 6.03 3.03
N LEU C 318 15.99 4.94 3.71
CA LEU C 318 16.04 4.89 5.20
C LEU C 318 16.86 6.07 5.71
N ILE C 319 18.07 6.26 5.19
CA ILE C 319 18.95 7.37 5.61
C ILE C 319 18.22 8.69 5.31
N LEU C 320 17.67 8.86 4.09
CA LEU C 320 17.03 10.14 3.66
C LEU C 320 16.14 10.60 4.81
N HIS C 321 15.28 9.72 5.33
CA HIS C 321 14.29 10.02 6.42
C HIS C 321 15.07 10.38 7.71
N GLY C 322 15.65 11.58 7.74
CA GLY C 322 16.53 12.09 8.82
C GLY C 322 16.05 13.41 9.34
N THR D 5 28.48 -38.54 22.52
CA THR D 5 29.38 -37.37 22.28
C THR D 5 28.55 -36.15 21.92
N LEU D 6 28.96 -34.98 22.42
CA LEU D 6 28.41 -33.66 22.06
C LEU D 6 28.18 -33.61 20.55
N PHE D 7 29.12 -34.09 19.73
CA PHE D 7 29.05 -33.93 18.25
C PHE D 7 27.77 -34.57 17.70
N GLU D 8 27.35 -35.72 18.24
CA GLU D 8 26.19 -36.49 17.69
C GLU D 8 24.89 -35.80 18.14
N VAL D 9 24.86 -35.34 19.39
CA VAL D 9 23.69 -34.60 19.98
C VAL D 9 23.41 -33.37 19.09
N VAL D 10 24.45 -32.62 18.76
CA VAL D 10 24.33 -31.32 18.04
C VAL D 10 23.91 -31.59 16.60
N LYS D 11 24.58 -32.51 15.91
CA LYS D 11 24.23 -32.94 14.53
C LYS D 11 22.75 -33.32 14.49
N LEU D 12 22.28 -34.12 15.45
CA LEU D 12 20.89 -34.63 15.52
C LEU D 12 19.94 -33.50 15.96
N GLY D 13 20.30 -32.73 16.99
CA GLY D 13 19.49 -31.61 17.53
C GLY D 13 18.05 -32.00 17.83
N LYS D 14 17.82 -33.15 18.48
CA LYS D 14 16.46 -33.61 18.87
C LYS D 14 15.76 -32.52 19.68
N SER D 15 14.49 -32.26 19.39
CA SER D 15 13.62 -31.31 20.13
C SER D 15 13.35 -31.90 21.51
N ALA D 16 12.96 -31.07 22.48
CA ALA D 16 12.59 -31.49 23.85
C ALA D 16 11.50 -32.55 23.75
N MET D 17 10.47 -32.24 22.98
CA MET D 17 9.33 -33.13 22.73
C MET D 17 9.80 -34.41 22.04
N GLN D 18 10.64 -34.35 21.00
CA GLN D 18 11.06 -35.62 20.35
C GLN D 18 11.84 -36.47 21.36
N SER D 19 12.66 -35.84 22.18
CA SER D 19 13.45 -36.56 23.22
C SER D 19 12.48 -37.34 24.10
N VAL D 20 11.50 -36.68 24.71
CA VAL D 20 10.62 -37.37 25.70
C VAL D 20 9.86 -38.47 24.96
N VAL D 21 9.31 -38.17 23.78
CA VAL D 21 8.50 -39.15 23.00
C VAL D 21 9.33 -40.39 22.63
N ASP D 22 10.58 -40.27 22.18
CA ASP D 22 11.39 -41.48 21.86
C ASP D 22 11.54 -42.33 23.12
N ASP D 23 11.83 -41.70 24.25
CA ASP D 23 11.90 -42.41 25.55
C ASP D 23 10.54 -43.07 25.85
N TRP D 24 9.43 -42.38 25.58
CA TRP D 24 8.09 -42.95 25.87
C TRP D 24 7.84 -44.20 25.03
N ILE D 25 8.26 -44.16 23.76
CA ILE D 25 8.05 -45.25 22.78
C ILE D 25 8.89 -46.47 23.21
N GLU D 26 10.14 -46.29 23.60
CA GLU D 26 10.91 -47.42 24.21
C GLU D 26 10.09 -47.95 25.39
N SER D 27 9.68 -47.08 26.33
CA SER D 27 9.00 -47.49 27.57
C SER D 27 7.79 -48.37 27.22
N TYR D 28 7.06 -47.99 26.18
CA TYR D 28 5.89 -48.72 25.61
C TYR D 28 6.31 -50.12 25.18
N LYS D 29 7.44 -50.22 24.48
CA LYS D 29 8.01 -51.48 23.90
C LYS D 29 8.51 -52.40 25.02
N GLN D 30 8.88 -51.86 26.18
CA GLN D 30 9.34 -52.63 27.37
C GLN D 30 8.11 -53.14 28.15
N ASP D 31 6.99 -52.41 28.14
CA ASP D 31 5.78 -52.74 28.95
C ASP D 31 4.63 -51.76 28.63
N ARG D 32 3.80 -52.11 27.65
CA ARG D 32 2.65 -51.30 27.16
C ARG D 32 1.85 -50.77 28.35
N ASP D 33 1.56 -51.60 29.33
CA ASP D 33 0.66 -51.22 30.45
C ASP D 33 1.24 -50.01 31.21
N ILE D 34 2.49 -50.07 31.69
CA ILE D 34 3.01 -49.00 32.60
C ILE D 34 3.23 -47.74 31.75
N ALA D 35 3.63 -47.86 30.49
CA ALA D 35 3.79 -46.72 29.54
C ALA D 35 2.45 -45.98 29.42
N LEU D 36 1.41 -46.68 28.98
CA LEU D 36 0.04 -46.11 28.90
C LEU D 36 -0.31 -45.48 30.25
N LEU D 37 -0.06 -46.19 31.35
CA LEU D 37 -0.43 -45.66 32.70
C LEU D 37 0.26 -44.31 32.86
N ASP D 38 1.52 -44.17 32.39
CA ASP D 38 2.28 -42.89 32.46
C ASP D 38 1.56 -41.86 31.57
N LEU D 39 1.16 -42.27 30.37
CA LEU D 39 0.47 -41.38 29.40
C LEU D 39 -0.87 -40.93 29.97
N ILE D 40 -1.61 -41.85 30.58
CA ILE D 40 -2.93 -41.52 31.20
C ILE D 40 -2.65 -40.46 32.25
N ASN D 41 -1.59 -40.67 33.01
CA ASN D 41 -1.25 -39.84 34.18
C ASN D 41 -0.78 -38.49 33.66
N PHE D 42 -0.15 -38.45 32.49
CA PHE D 42 0.27 -37.16 31.88
C PHE D 42 -0.96 -36.26 31.67
N PHE D 43 -2.00 -36.78 31.00
CA PHE D 43 -3.21 -35.98 30.67
C PHE D 43 -3.92 -35.50 31.93
N ILE D 44 -3.98 -36.36 32.95
CA ILE D 44 -4.58 -36.09 34.27
C ILE D 44 -3.83 -34.91 34.89
N GLN D 45 -2.53 -35.06 35.09
CA GLN D 45 -1.66 -34.07 35.76
C GLN D 45 -1.72 -32.76 34.96
N CYS D 46 -1.60 -32.82 33.64
CA CYS D 46 -1.63 -31.61 32.76
C CYS D 46 -2.87 -30.76 33.09
N SER D 47 -3.95 -31.35 33.62
CA SER D 47 -5.18 -30.66 34.09
C SER D 47 -4.99 -30.06 35.49
N GLY D 48 -3.82 -30.25 36.10
CA GLY D 48 -3.51 -29.81 37.47
C GLY D 48 -4.18 -30.69 38.51
N CYS D 49 -4.70 -31.85 38.12
CA CYS D 49 -5.27 -32.83 39.08
C CYS D 49 -4.13 -33.38 39.93
N ARG D 50 -4.17 -33.18 41.24
CA ARG D 50 -3.10 -33.56 42.21
C ARG D 50 -3.08 -35.10 42.33
N GLY D 51 -4.08 -35.77 41.76
CA GLY D 51 -4.28 -37.23 41.81
C GLY D 51 -3.40 -37.97 40.81
N THR D 52 -3.19 -39.25 41.05
CA THR D 52 -2.33 -40.10 40.20
C THR D 52 -2.92 -41.50 40.22
N VAL D 53 -2.98 -42.16 39.06
CA VAL D 53 -3.54 -43.52 38.86
C VAL D 53 -2.42 -44.53 39.11
N ARG D 54 -2.59 -45.41 40.10
CA ARG D 54 -1.60 -46.47 40.48
C ARG D 54 -1.64 -47.60 39.44
N ILE D 55 -0.61 -48.45 39.36
CA ILE D 55 -0.65 -49.61 38.41
C ILE D 55 -1.76 -50.57 38.84
N GLU D 56 -2.11 -50.69 40.12
CA GLU D 56 -3.16 -51.69 40.51
C GLU D 56 -4.55 -51.06 40.31
N MET D 57 -4.65 -49.78 40.66
CA MET D 57 -5.81 -48.88 40.39
C MET D 57 -6.10 -48.92 38.89
N PHE D 58 -5.06 -49.27 38.10
CA PHE D 58 -5.12 -49.53 36.64
C PHE D 58 -5.43 -51.01 36.38
N ARG D 59 -4.74 -51.92 37.07
CA ARG D 59 -4.87 -53.38 36.89
C ARG D 59 -6.30 -53.83 37.19
N ASN D 60 -6.93 -53.26 38.22
CA ASN D 60 -8.21 -53.75 38.81
C ASN D 60 -9.39 -52.87 38.38
N MET D 61 -9.18 -51.93 37.46
CA MET D 61 -10.20 -50.92 37.04
C MET D 61 -9.98 -50.54 35.57
N GLN D 62 -11.04 -50.00 34.93
CA GLN D 62 -11.11 -49.72 33.47
C GLN D 62 -11.30 -48.22 33.25
N ASN D 63 -11.42 -47.78 32.00
CA ASN D 63 -11.43 -46.36 31.57
C ASN D 63 -12.09 -45.44 32.63
N ALA D 64 -13.38 -45.63 32.90
CA ALA D 64 -14.26 -44.64 33.59
C ALA D 64 -13.83 -44.41 35.04
N GLU D 65 -14.44 -45.15 35.99
CA GLU D 65 -14.10 -45.13 37.45
C GLU D 65 -12.84 -44.31 37.78
N ILE D 66 -11.70 -44.67 37.16
CA ILE D 66 -10.43 -43.90 37.23
C ILE D 66 -10.72 -42.40 37.13
N ILE D 67 -11.48 -41.96 36.11
CA ILE D 67 -11.91 -40.54 35.96
C ILE D 67 -12.71 -40.10 37.19
N ARG D 68 -13.72 -40.90 37.58
CA ARG D 68 -14.57 -40.57 38.75
C ARG D 68 -13.64 -40.38 39.96
N LYS D 69 -12.70 -41.31 40.14
CA LYS D 69 -11.69 -41.31 41.23
C LYS D 69 -10.95 -39.97 41.17
N MET D 70 -10.14 -39.78 40.12
CA MET D 70 -9.29 -38.57 39.90
C MET D 70 -10.11 -37.28 40.01
N THR D 71 -11.42 -37.33 39.74
CA THR D 71 -12.35 -36.16 39.82
C THR D 71 -12.41 -35.62 41.26
N GLU D 72 -11.94 -36.35 42.28
CA GLU D 72 -11.65 -35.77 43.63
C GLU D 72 -10.28 -35.07 43.50
N GLU D 73 -9.33 -35.37 44.37
CA GLU D 73 -7.87 -35.16 44.13
C GLU D 73 -7.53 -33.76 43.58
N PHE D 74 -8.50 -32.91 43.24
CA PHE D 74 -8.24 -31.53 42.75
C PHE D 74 -7.91 -30.65 43.96
N ASP D 75 -8.67 -30.80 45.05
CA ASP D 75 -8.53 -30.11 46.36
C ASP D 75 -8.95 -28.64 46.22
N GLU D 76 -8.39 -27.91 45.25
CA GLU D 76 -8.86 -26.59 44.76
C GLU D 76 -9.19 -25.66 45.94
N ASP D 77 -8.17 -25.07 46.58
CA ASP D 77 -8.26 -23.76 47.29
C ASP D 77 -7.80 -22.69 46.29
N SER D 78 -7.44 -23.13 45.09
CA SER D 78 -7.35 -22.33 43.84
C SER D 78 -8.07 -23.10 42.72
N GLY D 79 -8.47 -22.41 41.64
CA GLY D 79 -9.08 -23.03 40.44
C GLY D 79 -8.22 -22.82 39.20
N ASP D 80 -6.92 -22.56 39.38
CA ASP D 80 -5.91 -22.44 38.29
C ASP D 80 -5.48 -23.83 37.83
N TYR D 81 -5.52 -24.08 36.52
CA TYR D 81 -4.89 -25.28 35.87
C TYR D 81 -3.85 -24.77 34.89
N PRO D 82 -2.84 -25.59 34.52
CA PRO D 82 -1.76 -25.16 33.62
C PRO D 82 -2.11 -24.42 32.32
N LEU D 83 -3.26 -24.74 31.71
CA LEU D 83 -3.59 -24.19 30.37
C LEU D 83 -4.16 -22.79 30.54
N THR D 84 -4.44 -22.38 31.78
CA THR D 84 -4.90 -21.02 32.15
C THR D 84 -3.86 -20.27 32.97
N MET D 85 -3.07 -20.95 33.82
CA MET D 85 -2.02 -20.27 34.62
C MET D 85 -1.23 -19.37 33.66
N PRO D 86 -1.06 -18.07 34.00
CA PRO D 86 -0.61 -17.08 33.02
C PRO D 86 0.90 -16.81 33.03
N GLY D 87 1.37 -15.96 32.12
CA GLY D 87 2.80 -15.60 32.01
C GLY D 87 3.59 -16.71 31.34
N PRO D 88 4.89 -16.48 31.05
CA PRO D 88 5.55 -17.06 29.87
C PRO D 88 5.95 -18.55 29.96
N GLN D 89 6.38 -19.04 31.14
CA GLN D 89 6.82 -20.45 31.33
C GLN D 89 5.63 -21.39 31.03
N TRP D 90 4.40 -20.93 31.27
CA TRP D 90 3.15 -21.72 31.07
C TRP D 90 2.64 -21.62 29.63
N LYS D 91 3.06 -20.63 28.84
CA LYS D 91 2.67 -20.49 27.41
C LYS D 91 3.58 -21.43 26.62
N LYS D 92 4.83 -21.58 27.06
CA LYS D 92 5.77 -22.59 26.51
C LYS D 92 5.22 -23.97 26.91
N PHE D 93 4.53 -24.10 28.05
CA PHE D 93 3.86 -25.36 28.43
C PHE D 93 2.80 -25.72 27.37
N ARG D 94 1.79 -24.86 27.20
CA ARG D 94 0.70 -25.04 26.20
C ARG D 94 1.34 -25.40 24.87
N SER D 95 2.46 -24.79 24.53
CA SER D 95 3.13 -25.03 23.23
C SER D 95 3.71 -26.46 23.22
N ASN D 96 4.31 -26.86 24.34
CA ASN D 96 4.98 -28.17 24.50
C ASN D 96 3.91 -29.27 24.60
N PHE D 97 2.82 -29.01 25.30
CA PHE D 97 1.68 -29.95 25.40
C PHE D 97 1.19 -30.33 23.99
N CYS D 98 0.90 -29.33 23.18
CA CYS D 98 0.38 -29.48 21.81
C CYS D 98 1.42 -30.20 20.95
N GLU D 99 2.70 -29.87 21.08
CA GLU D 99 3.72 -30.45 20.17
C GLU D 99 3.93 -31.92 20.55
N PHE D 100 3.97 -32.23 21.84
CA PHE D 100 4.14 -33.62 22.33
C PHE D 100 3.11 -34.49 21.60
N ILE D 101 1.82 -34.17 21.74
CA ILE D 101 0.71 -34.94 21.13
C ILE D 101 1.05 -35.17 19.66
N GLY D 102 1.29 -34.08 18.94
CA GLY D 102 1.72 -34.10 17.53
C GLY D 102 2.89 -35.04 17.29
N VAL D 103 4.02 -34.85 17.96
CA VAL D 103 5.24 -35.70 17.76
C VAL D 103 4.97 -37.14 18.21
N LEU D 104 4.19 -37.35 19.28
CA LEU D 104 3.85 -38.72 19.75
C LEU D 104 3.28 -39.51 18.58
N ILE D 105 2.25 -38.98 17.97
CA ILE D 105 1.53 -39.66 16.87
C ILE D 105 2.47 -39.78 15.65
N ARG D 106 3.12 -38.70 15.22
CA ARG D 106 4.00 -38.76 14.03
C ARG D 106 4.95 -39.95 14.19
N GLN D 107 5.55 -40.14 15.36
CA GLN D 107 6.55 -41.21 15.61
C GLN D 107 5.90 -42.60 15.76
N CYS D 108 4.61 -42.65 16.11
CA CYS D 108 3.87 -43.91 16.35
C CYS D 108 3.08 -44.33 15.08
N GLN D 109 3.20 -43.63 13.95
CA GLN D 109 2.14 -43.67 12.88
C GLN D 109 2.27 -44.90 11.95
N TYR D 110 3.32 -45.71 12.08
CA TYR D 110 3.58 -46.89 11.21
C TYR D 110 3.34 -48.20 11.98
N SER D 111 3.26 -48.13 13.32
CA SER D 111 3.37 -49.25 14.27
C SER D 111 2.22 -49.19 15.26
N ILE D 112 2.53 -48.51 16.37
CA ILE D 112 1.79 -48.49 17.65
C ILE D 112 0.38 -47.96 17.39
N ILE D 113 0.26 -46.88 16.62
CA ILE D 113 -1.05 -46.22 16.32
C ILE D 113 -2.07 -47.31 15.94
N TYR D 114 -1.63 -48.37 15.23
CA TYR D 114 -2.47 -49.44 14.60
C TYR D 114 -2.58 -50.70 15.46
N ASP D 115 -1.82 -50.87 16.55
CA ASP D 115 -2.21 -51.85 17.60
C ASP D 115 -3.60 -51.39 18.03
N GLU D 116 -4.29 -52.13 18.91
CA GLU D 116 -5.70 -51.74 19.23
C GLU D 116 -5.77 -51.45 20.74
N TYR D 117 -4.74 -50.79 21.27
CA TYR D 117 -4.59 -50.47 22.70
C TYR D 117 -4.25 -48.98 22.86
N MET D 118 -3.09 -48.55 22.35
CA MET D 118 -2.59 -47.17 22.61
C MET D 118 -3.70 -46.17 22.27
N MET D 119 -4.19 -46.13 21.03
CA MET D 119 -5.10 -45.05 20.60
C MET D 119 -6.47 -45.20 21.25
N ASP D 120 -6.88 -46.43 21.58
CA ASP D 120 -8.20 -46.66 22.19
C ASP D 120 -8.15 -46.14 23.62
N THR D 121 -6.97 -46.21 24.26
CA THR D 121 -6.78 -45.80 25.68
C THR D 121 -6.91 -44.27 25.75
N VAL D 122 -6.06 -43.59 24.97
CA VAL D 122 -6.01 -42.11 24.80
C VAL D 122 -7.41 -41.60 24.42
N ILE D 123 -8.02 -42.13 23.38
CA ILE D 123 -9.33 -41.57 22.93
C ILE D 123 -10.39 -41.87 23.97
N SER D 124 -10.39 -43.07 24.57
CA SER D 124 -11.36 -43.42 25.64
C SER D 124 -11.17 -42.41 26.76
N LEU D 125 -9.90 -42.18 27.14
CA LEU D 125 -9.57 -41.32 28.29
C LEU D 125 -10.00 -39.90 27.98
N LEU D 126 -9.54 -39.39 26.83
CA LEU D 126 -9.76 -37.97 26.43
C LEU D 126 -11.27 -37.74 26.35
N THR D 127 -12.00 -38.61 25.66
CA THR D 127 -13.47 -38.50 25.53
C THR D 127 -14.11 -38.44 26.92
N GLY D 128 -13.75 -39.37 27.79
CA GLY D 128 -14.24 -39.36 29.18
C GLY D 128 -13.91 -38.08 29.92
N LEU D 129 -12.66 -37.61 29.86
CA LEU D 129 -12.30 -36.31 30.49
C LEU D 129 -13.15 -35.19 29.88
N SER D 130 -13.33 -35.20 28.56
CA SER D 130 -13.99 -34.10 27.78
C SER D 130 -15.44 -33.93 28.26
N ASP D 131 -16.02 -34.95 28.91
CA ASP D 131 -17.43 -34.96 29.39
C ASP D 131 -17.50 -34.52 30.87
N SER D 132 -16.37 -34.36 31.55
CA SER D 132 -16.30 -34.08 33.02
C SER D 132 -16.97 -32.75 33.35
N GLN D 133 -17.52 -32.63 34.55
CA GLN D 133 -18.03 -31.36 35.10
C GLN D 133 -16.86 -30.47 35.58
N VAL D 134 -15.61 -30.95 35.53
CA VAL D 134 -14.38 -30.18 35.89
C VAL D 134 -13.83 -29.41 34.68
N ARG D 135 -13.91 -28.08 34.73
CA ARG D 135 -13.40 -27.21 33.65
C ARG D 135 -12.00 -27.70 33.25
N ALA D 136 -11.10 -27.88 34.20
CA ALA D 136 -9.67 -28.14 33.87
C ALA D 136 -9.58 -29.47 33.10
N PHE D 137 -10.49 -30.41 33.36
CA PHE D 137 -10.55 -31.71 32.65
C PHE D 137 -11.10 -31.48 31.24
N ARG D 138 -12.16 -30.68 31.09
CA ARG D 138 -12.78 -30.39 29.78
C ARG D 138 -11.80 -29.61 28.90
N HIS D 139 -11.21 -28.54 29.40
CA HIS D 139 -10.26 -27.71 28.64
C HIS D 139 -9.04 -28.55 28.20
N THR D 140 -8.45 -29.33 29.12
CA THR D 140 -7.18 -30.04 28.84
C THR D 140 -7.44 -31.15 27.81
N SER D 141 -8.38 -32.04 28.11
CA SER D 141 -8.79 -33.16 27.21
C SER D 141 -9.13 -32.61 25.82
N THR D 142 -9.96 -31.57 25.73
CA THR D 142 -10.43 -31.01 24.43
C THR D 142 -9.26 -30.45 23.63
N LEU D 143 -8.36 -29.69 24.26
CA LEU D 143 -7.18 -29.19 23.50
C LEU D 143 -6.38 -30.42 23.04
N ALA D 144 -6.25 -31.43 23.88
CA ALA D 144 -5.48 -32.65 23.57
C ALA D 144 -6.12 -33.32 22.36
N ALA D 145 -7.44 -33.57 22.45
CA ALA D 145 -8.29 -34.22 21.43
C ALA D 145 -8.15 -33.47 20.12
N MET D 146 -8.32 -32.14 20.11
CA MET D 146 -8.25 -31.40 18.84
C MET D 146 -6.84 -31.54 18.26
N LYS D 147 -5.79 -31.63 19.08
CA LYS D 147 -4.41 -31.70 18.54
C LYS D 147 -4.17 -33.13 18.02
N LEU D 148 -4.73 -34.10 18.71
CA LEU D 148 -4.58 -35.53 18.36
C LEU D 148 -5.28 -35.72 17.02
N MET D 149 -6.50 -35.18 16.86
CA MET D 149 -7.18 -35.17 15.56
C MET D 149 -6.18 -34.71 14.51
N THR D 150 -5.75 -33.45 14.60
CA THR D 150 -4.90 -32.81 13.57
C THR D 150 -3.74 -33.75 13.23
N ALA D 151 -3.18 -34.42 14.23
CA ALA D 151 -2.09 -35.38 14.02
C ALA D 151 -2.61 -36.54 13.17
N LEU D 152 -3.80 -37.09 13.49
CA LEU D 152 -4.39 -38.22 12.72
C LEU D 152 -4.61 -37.74 11.28
N VAL D 153 -5.13 -36.54 11.08
CA VAL D 153 -5.31 -36.00 9.71
C VAL D 153 -3.97 -36.06 8.99
N ASN D 154 -2.87 -35.67 9.63
CA ASN D 154 -1.52 -35.75 9.02
C ASN D 154 -1.23 -37.20 8.62
N VAL D 155 -1.69 -38.17 9.41
CA VAL D 155 -1.51 -39.62 9.10
C VAL D 155 -2.33 -39.97 7.85
N ALA D 156 -3.64 -39.71 7.86
CA ALA D 156 -4.54 -39.85 6.69
C ALA D 156 -3.82 -39.31 5.44
N LEU D 157 -3.25 -38.12 5.56
CA LEU D 157 -2.58 -37.41 4.44
C LEU D 157 -1.39 -38.23 3.96
N ASN D 158 -0.53 -38.63 4.90
CA ASN D 158 0.69 -39.45 4.68
C ASN D 158 0.32 -40.81 4.06
N LEU D 159 -0.81 -41.38 4.48
CA LEU D 159 -1.37 -42.64 3.91
C LEU D 159 -1.77 -42.38 2.46
N SER D 160 -2.77 -41.51 2.22
CA SER D 160 -3.25 -41.16 0.86
C SER D 160 -2.09 -41.16 -0.13
N ILE D 161 -0.90 -40.70 0.26
CA ILE D 161 0.33 -40.66 -0.59
C ILE D 161 0.83 -42.10 -0.86
N HIS D 162 1.06 -42.90 0.18
CA HIS D 162 1.50 -44.32 0.04
C HIS D 162 0.42 -45.13 -0.70
N GLN D 163 -0.85 -44.72 -0.63
CA GLN D 163 -1.98 -45.37 -1.35
C GLN D 163 -1.86 -45.05 -2.85
N ASP D 164 -1.58 -43.78 -3.20
CA ASP D 164 -1.43 -43.29 -4.60
C ASP D 164 -0.08 -43.74 -5.19
N ASN D 165 0.78 -44.41 -4.42
CA ASN D 165 2.11 -44.90 -4.90
C ASN D 165 2.12 -46.44 -4.93
N THR D 166 1.30 -47.09 -4.10
CA THR D 166 0.96 -48.53 -4.22
C THR D 166 -0.03 -48.68 -5.38
N GLN D 167 -0.52 -47.57 -5.96
CA GLN D 167 -1.39 -47.58 -7.18
C GLN D 167 -0.49 -47.50 -8.42
N ARG D 168 0.20 -46.38 -8.65
CA ARG D 168 1.20 -46.22 -9.74
C ARG D 168 1.89 -47.57 -9.99
N GLN D 169 2.32 -48.24 -8.91
CA GLN D 169 3.26 -49.38 -8.94
C GLN D 169 2.52 -50.72 -9.08
N TYR D 170 1.22 -50.75 -8.75
CA TYR D 170 0.35 -51.95 -8.92
C TYR D 170 -0.17 -52.04 -10.37
N GLU D 171 -0.54 -50.90 -10.98
CA GLU D 171 -1.09 -50.78 -12.36
C GLU D 171 0.00 -51.04 -13.41
N ALA D 172 1.17 -50.40 -13.29
CA ALA D 172 2.32 -50.56 -14.22
C ALA D 172 2.79 -52.02 -14.22
N GLU D 173 2.59 -52.76 -13.12
CA GLU D 173 2.99 -54.19 -12.96
C GLU D 173 1.82 -55.13 -13.28
N ARG D 174 0.59 -54.61 -13.32
CA ARG D 174 -0.63 -55.35 -13.74
C ARG D 174 -0.64 -55.50 -15.28
N ASN D 175 0.18 -54.72 -16.01
CA ASN D 175 0.46 -54.94 -17.46
C ASN D 175 0.94 -56.39 -17.68
N LYS D 176 1.85 -56.86 -16.81
CA LYS D 176 2.44 -58.23 -16.79
C LYS D 176 2.66 -58.67 -15.33
N GLU D 184 4.23 -61.98 -9.74
CA GLU D 184 5.18 -62.31 -8.64
C GLU D 184 5.04 -61.29 -7.50
N ARG D 185 5.31 -60.02 -7.82
CA ARG D 185 5.23 -58.88 -6.88
C ARG D 185 3.79 -58.35 -6.89
N LEU D 186 2.99 -58.73 -7.88
CA LEU D 186 1.57 -58.29 -8.00
C LEU D 186 0.71 -58.94 -6.89
N GLU D 187 1.11 -60.13 -6.44
CA GLU D 187 0.43 -60.86 -5.31
C GLU D 187 0.63 -60.07 -4.01
N LEU D 188 1.75 -59.33 -3.92
CA LEU D 188 2.14 -58.43 -2.79
C LEU D 188 1.47 -57.05 -2.93
N LEU D 189 1.71 -56.35 -4.04
CA LEU D 189 1.20 -54.97 -4.27
C LEU D 189 -0.32 -54.92 -4.07
N LEU D 190 -1.00 -56.06 -4.21
CA LEU D 190 -2.45 -56.19 -3.92
C LEU D 190 -2.66 -56.19 -2.40
N GLN D 191 -1.88 -56.99 -1.68
CA GLN D 191 -1.94 -57.08 -0.19
C GLN D 191 -1.65 -55.70 0.42
N LYS D 192 -0.56 -55.03 0.02
CA LYS D 192 -0.16 -53.70 0.56
C LYS D 192 -1.35 -52.74 0.46
N ARG D 193 -1.84 -52.50 -0.76
CA ARG D 193 -2.99 -51.60 -1.06
C ARG D 193 -4.18 -51.89 -0.13
N LYS D 194 -4.45 -53.18 0.17
CA LYS D 194 -5.55 -53.60 1.07
C LYS D 194 -5.23 -53.17 2.51
N GLU D 195 -3.99 -53.40 2.96
CA GLU D 195 -3.47 -52.99 4.29
C GLU D 195 -3.69 -51.49 4.50
N LEU D 196 -3.07 -50.67 3.65
CA LEU D 196 -3.25 -49.18 3.62
C LEU D 196 -4.74 -48.82 3.76
N GLN D 197 -5.61 -49.45 2.96
CA GLN D 197 -7.06 -49.20 3.07
C GLN D 197 -7.54 -49.62 4.47
N GLU D 198 -6.96 -50.66 5.05
CA GLU D 198 -7.31 -51.12 6.43
C GLU D 198 -6.92 -49.99 7.40
N ASN D 199 -5.64 -49.62 7.40
CA ASN D 199 -5.08 -48.45 8.13
C ASN D 199 -6.05 -47.27 8.01
N GLN D 200 -6.15 -46.70 6.80
CA GLN D 200 -7.01 -45.55 6.44
C GLN D 200 -8.43 -45.73 7.01
N ASP D 201 -8.92 -46.97 7.16
CA ASP D 201 -10.25 -47.27 7.76
C ASP D 201 -10.20 -47.03 9.28
N GLU D 202 -9.12 -47.45 9.94
CA GLU D 202 -8.94 -47.29 11.41
C GLU D 202 -8.77 -45.81 11.74
N ILE D 203 -7.90 -45.12 10.99
CA ILE D 203 -7.58 -43.68 11.20
C ILE D 203 -8.89 -42.91 11.09
N GLU D 204 -9.67 -43.16 10.02
CA GLU D 204 -11.01 -42.53 9.84
C GLU D 204 -11.87 -42.93 11.04
N ASN D 205 -11.77 -44.16 11.52
CA ASN D 205 -12.57 -44.60 12.69
C ASN D 205 -12.23 -43.66 13.86
N MET D 206 -10.95 -43.51 14.16
CA MET D 206 -10.41 -42.71 15.29
C MET D 206 -10.89 -41.25 15.17
N MET D 207 -10.66 -40.62 14.02
CA MET D 207 -11.14 -39.24 13.77
C MET D 207 -12.63 -39.16 14.08
N ASN D 208 -13.37 -40.18 13.65
CA ASN D 208 -14.84 -40.19 13.83
C ASN D 208 -15.12 -40.15 15.33
N SER D 209 -14.49 -41.03 16.12
CA SER D 209 -14.73 -41.11 17.59
C SER D 209 -14.40 -39.76 18.23
N ILE D 210 -13.30 -39.12 17.79
CA ILE D 210 -12.86 -37.82 18.36
C ILE D 210 -13.94 -36.78 18.04
N PHE D 211 -14.44 -36.75 16.80
CA PHE D 211 -15.30 -35.64 16.31
C PHE D 211 -16.69 -35.72 16.95
N LYS D 212 -17.30 -36.90 16.88
CA LYS D 212 -18.69 -37.15 17.37
C LYS D 212 -18.64 -37.33 18.89
N GLY D 213 -17.51 -37.79 19.43
CA GLY D 213 -17.31 -38.01 20.87
C GLY D 213 -16.97 -36.72 21.60
N ILE D 214 -16.20 -35.83 20.96
CA ILE D 214 -15.65 -34.62 21.59
C ILE D 214 -16.05 -33.38 20.77
N PHE D 215 -15.60 -33.23 19.52
CA PHE D 215 -15.80 -31.95 18.81
C PHE D 215 -17.26 -31.50 18.91
N VAL D 216 -18.23 -32.37 18.58
CA VAL D 216 -19.65 -31.94 18.37
C VAL D 216 -20.29 -31.52 19.70
N HIS D 217 -19.79 -32.02 20.83
CA HIS D 217 -20.20 -31.57 22.19
C HIS D 217 -19.40 -30.31 22.60
N ARG D 218 -18.08 -30.31 22.41
CA ARG D 218 -17.17 -29.30 23.00
C ARG D 218 -17.26 -27.96 22.25
N TYR D 219 -17.45 -27.96 20.94
CA TYR D 219 -17.57 -26.67 20.19
C TYR D 219 -18.76 -25.86 20.76
N ARG D 220 -19.68 -26.50 21.49
CA ARG D 220 -20.87 -25.83 22.09
C ARG D 220 -20.64 -25.56 23.58
N ASP D 221 -19.45 -25.91 24.07
CA ASP D 221 -19.10 -25.86 25.52
C ASP D 221 -19.55 -24.55 26.11
N ALA D 222 -19.85 -24.55 27.41
CA ALA D 222 -20.10 -23.33 28.21
C ALA D 222 -18.89 -22.39 28.15
N ILE D 223 -17.67 -22.93 28.21
CA ILE D 223 -16.43 -22.10 28.26
C ILE D 223 -16.05 -21.72 26.83
N ALA D 224 -15.87 -20.42 26.63
CA ALA D 224 -15.62 -19.79 25.32
C ALA D 224 -14.24 -20.23 24.84
N GLU D 225 -13.25 -20.27 25.73
CA GLU D 225 -11.89 -20.72 25.36
C GLU D 225 -11.99 -22.13 24.76
N ILE D 226 -12.91 -22.96 25.24
CA ILE D 226 -13.06 -24.36 24.73
C ILE D 226 -13.70 -24.33 23.34
N ARG D 227 -14.79 -23.57 23.15
CA ARG D 227 -15.43 -23.36 21.83
C ARG D 227 -14.35 -22.90 20.85
N ALA D 228 -13.55 -21.90 21.25
CA ALA D 228 -12.53 -21.29 20.36
C ALA D 228 -11.55 -22.36 19.89
N ILE D 229 -11.06 -23.19 20.82
CA ILE D 229 -10.08 -24.28 20.54
C ILE D 229 -10.64 -25.19 19.45
N CYS D 230 -11.92 -25.55 19.58
CA CYS D 230 -12.63 -26.42 18.62
C CYS D 230 -12.68 -25.68 17.27
N ILE D 231 -13.36 -24.55 17.21
CA ILE D 231 -13.50 -23.78 15.95
C ILE D 231 -12.12 -23.69 15.31
N GLU D 232 -11.07 -23.39 16.09
CA GLU D 232 -9.74 -23.09 15.51
C GLU D 232 -9.26 -24.29 14.70
N GLU D 233 -9.36 -25.49 15.26
CA GLU D 233 -8.68 -26.70 14.72
C GLU D 233 -9.50 -27.26 13.57
N ILE D 234 -10.83 -27.13 13.62
CA ILE D 234 -11.69 -27.59 12.50
C ILE D 234 -11.31 -26.77 11.28
N GLY D 235 -10.82 -25.55 11.52
CA GLY D 235 -10.32 -24.69 10.43
C GLY D 235 -9.07 -25.31 9.89
N VAL D 236 -8.25 -25.82 10.80
CA VAL D 236 -6.94 -26.42 10.45
C VAL D 236 -7.21 -27.65 9.60
N TRP D 237 -8.22 -28.45 9.96
CA TRP D 237 -8.50 -29.74 9.27
C TRP D 237 -8.96 -29.41 7.85
N MET D 238 -9.87 -28.44 7.71
CA MET D 238 -10.47 -28.11 6.39
C MET D 238 -9.36 -27.59 5.46
N LYS D 239 -8.38 -26.83 6.00
CA LYS D 239 -7.28 -26.21 5.19
C LYS D 239 -6.27 -27.29 4.80
N MET D 240 -5.90 -28.21 5.69
CA MET D 240 -4.73 -29.13 5.48
C MET D 240 -5.14 -30.35 4.64
N TYR D 241 -6.44 -30.68 4.64
CA TYR D 241 -7.01 -31.88 4.01
C TYR D 241 -8.42 -31.55 3.55
N SER D 242 -8.50 -30.60 2.60
CA SER D 242 -9.74 -29.99 2.05
C SER D 242 -10.55 -31.07 1.36
N ASP D 243 -9.88 -32.08 0.78
CA ASP D 243 -10.54 -33.12 -0.06
C ASP D 243 -11.53 -33.88 0.83
N ALA D 244 -11.16 -34.20 2.07
CA ALA D 244 -11.97 -34.96 3.06
C ALA D 244 -12.80 -34.05 3.97
N PHE D 245 -12.35 -32.81 4.27
CA PHE D 245 -12.92 -31.96 5.35
C PHE D 245 -13.54 -30.67 4.83
N LEU D 246 -13.03 -30.08 3.75
CA LEU D 246 -13.60 -28.79 3.28
C LEU D 246 -14.90 -29.13 2.55
N ASN D 247 -16.01 -29.09 3.28
CA ASN D 247 -17.35 -29.38 2.75
C ASN D 247 -18.41 -28.88 3.74
N ASP D 248 -19.69 -28.97 3.36
CA ASP D 248 -20.79 -28.24 4.04
C ASP D 248 -21.02 -28.87 5.42
N SER D 249 -20.67 -30.14 5.60
CA SER D 249 -20.93 -30.92 6.85
C SER D 249 -19.96 -30.50 7.97
N TYR D 250 -18.72 -30.11 7.63
CA TYR D 250 -17.75 -29.51 8.58
C TYR D 250 -17.96 -28.00 8.65
N LEU D 251 -18.01 -27.31 7.49
CA LEU D 251 -18.25 -25.84 7.43
C LEU D 251 -19.43 -25.40 8.33
N LYS D 252 -20.50 -26.19 8.50
CA LYS D 252 -21.70 -25.71 9.24
C LYS D 252 -21.31 -25.35 10.68
N TYR D 253 -20.49 -26.17 11.33
CA TYR D 253 -19.99 -25.96 12.71
C TYR D 253 -19.45 -24.53 12.86
N VAL D 254 -18.61 -24.11 11.91
CA VAL D 254 -18.11 -22.72 11.85
C VAL D 254 -19.29 -21.80 11.56
N GLY D 255 -20.00 -22.07 10.46
CA GLY D 255 -21.17 -21.26 10.05
C GLY D 255 -22.06 -20.92 11.24
N TRP D 256 -22.43 -21.94 12.04
CA TRP D 256 -23.37 -21.84 13.19
C TRP D 256 -22.75 -21.02 14.32
N THR D 257 -21.43 -21.08 14.48
CA THR D 257 -20.71 -20.45 15.61
C THR D 257 -20.43 -18.98 15.27
N LEU D 258 -20.59 -18.57 14.00
CA LEU D 258 -20.22 -17.21 13.53
C LEU D 258 -20.80 -16.13 14.46
N HIS D 259 -22.00 -16.32 15.02
CA HIS D 259 -22.62 -15.32 15.93
C HIS D 259 -22.62 -15.85 17.37
N ASP D 260 -21.44 -16.21 17.86
CA ASP D 260 -21.19 -16.59 19.27
C ASP D 260 -21.24 -15.37 20.20
N ARG D 261 -21.83 -15.53 21.38
CA ARG D 261 -21.85 -14.51 22.46
C ARG D 261 -20.49 -13.80 22.51
N GLN D 262 -19.37 -14.54 22.42
CA GLN D 262 -18.02 -14.01 22.70
C GLN D 262 -17.27 -13.67 21.41
N GLY D 263 -16.59 -12.54 21.44
CA GLY D 263 -15.78 -12.03 20.32
C GLY D 263 -14.62 -12.94 19.99
N GLU D 264 -14.02 -13.57 21.03
CA GLU D 264 -12.81 -14.42 20.88
C GLU D 264 -13.20 -15.62 20.00
N VAL D 265 -14.43 -16.13 20.17
CA VAL D 265 -14.98 -17.24 19.34
C VAL D 265 -15.26 -16.71 17.93
N ARG D 266 -15.92 -15.54 17.84
CA ARG D 266 -16.28 -14.93 16.53
C ARG D 266 -14.97 -14.66 15.77
N LEU D 267 -13.95 -14.11 16.42
CA LEU D 267 -12.62 -13.95 15.77
C LEU D 267 -12.16 -15.29 15.18
N LYS D 268 -12.37 -16.40 15.89
CA LYS D 268 -11.80 -17.71 15.48
C LYS D 268 -12.55 -18.18 14.24
N CYS D 269 -13.87 -17.98 14.19
CA CYS D 269 -14.69 -18.32 12.99
C CYS D 269 -14.16 -17.54 11.78
N LEU D 270 -13.97 -16.23 11.90
CA LEU D 270 -13.55 -15.42 10.73
C LEU D 270 -12.13 -15.83 10.31
N LYS D 271 -11.22 -16.06 11.26
CA LYS D 271 -9.80 -16.37 10.93
C LYS D 271 -9.75 -17.76 10.26
N ALA D 272 -10.59 -18.71 10.71
CA ALA D 272 -10.80 -20.02 10.06
C ALA D 272 -11.15 -19.82 8.58
N LEU D 273 -12.26 -19.12 8.30
CA LEU D 273 -12.77 -18.94 6.92
C LEU D 273 -11.77 -18.13 6.09
N GLN D 274 -11.17 -17.10 6.69
CA GLN D 274 -10.12 -16.26 6.03
C GLN D 274 -9.06 -17.18 5.41
N SER D 275 -8.65 -18.24 6.12
CA SER D 275 -7.56 -19.15 5.66
C SER D 275 -8.05 -20.05 4.52
N LEU D 276 -9.38 -20.16 4.30
CA LEU D 276 -9.94 -21.03 3.24
C LEU D 276 -10.22 -20.20 1.99
N TYR D 277 -10.76 -19.00 2.17
CA TYR D 277 -11.13 -18.12 1.03
C TYR D 277 -9.86 -17.58 0.36
N THR D 278 -8.71 -17.51 1.04
CA THR D 278 -7.42 -16.96 0.53
C THR D 278 -6.84 -17.83 -0.58
N ASN D 279 -7.31 -19.07 -0.68
CA ASN D 279 -6.92 -20.02 -1.74
C ASN D 279 -8.12 -20.15 -2.69
N ARG D 280 -8.11 -19.41 -3.81
CA ARG D 280 -9.27 -19.27 -4.74
C ARG D 280 -9.53 -20.61 -5.44
N GLU D 281 -8.53 -21.49 -5.49
CA GLU D 281 -8.69 -22.90 -5.93
C GLU D 281 -9.80 -23.59 -5.10
N LEU D 282 -10.05 -23.15 -3.85
CA LEU D 282 -11.05 -23.77 -2.93
C LEU D 282 -12.40 -23.09 -3.03
N PHE D 283 -12.59 -22.14 -3.94
CA PHE D 283 -13.87 -21.37 -4.04
C PHE D 283 -15.05 -22.28 -4.40
N PRO D 284 -14.88 -23.23 -5.34
CA PRO D 284 -15.94 -24.19 -5.63
C PRO D 284 -16.53 -24.80 -4.35
N LYS D 285 -15.66 -25.37 -3.51
CA LYS D 285 -16.08 -26.10 -2.28
C LYS D 285 -16.70 -25.15 -1.26
N LEU D 286 -16.54 -23.82 -1.36
CA LEU D 286 -17.09 -22.80 -0.41
C LEU D 286 -18.40 -22.17 -0.93
N GLU D 287 -18.79 -22.49 -2.17
CA GLU D 287 -19.77 -21.69 -2.93
C GLU D 287 -21.11 -21.72 -2.19
N LEU D 288 -21.61 -22.92 -1.85
CA LEU D 288 -22.93 -23.10 -1.20
C LEU D 288 -22.91 -22.42 0.17
N PHE D 289 -21.78 -22.55 0.87
CA PHE D 289 -21.54 -22.01 2.21
C PHE D 289 -21.66 -20.48 2.16
N THR D 290 -21.03 -19.83 1.17
CA THR D 290 -21.04 -18.34 1.01
C THR D 290 -22.49 -17.83 0.91
N ASN D 291 -23.33 -18.48 0.09
CA ASN D 291 -24.76 -18.10 -0.11
C ASN D 291 -25.47 -18.30 1.23
N ARG D 292 -25.30 -19.50 1.79
CA ARG D 292 -25.99 -19.93 3.03
C ARG D 292 -25.71 -18.93 4.15
N PHE D 293 -24.43 -18.56 4.37
CA PHE D 293 -24.03 -17.73 5.54
C PHE D 293 -23.69 -16.29 5.14
N LYS D 294 -23.91 -15.89 3.89
CA LYS D 294 -23.73 -14.48 3.43
C LYS D 294 -24.40 -13.52 4.44
N ASP D 295 -25.57 -13.84 5.00
CA ASP D 295 -26.28 -12.87 5.87
C ASP D 295 -25.54 -12.71 7.19
N ARG D 296 -25.17 -13.83 7.84
CA ARG D 296 -24.42 -13.87 9.13
C ARG D 296 -23.01 -13.28 8.92
N ILE D 297 -22.29 -13.70 7.88
CA ILE D 297 -20.89 -13.29 7.60
C ILE D 297 -20.81 -11.77 7.48
N VAL D 298 -21.76 -11.18 6.75
CA VAL D 298 -21.62 -9.82 6.17
C VAL D 298 -22.08 -8.78 7.21
N SER D 299 -23.07 -9.12 8.05
CA SER D 299 -23.54 -8.34 9.23
C SER D 299 -22.41 -8.10 10.23
N MET D 300 -21.40 -8.99 10.25
CA MET D 300 -20.29 -8.95 11.24
C MET D 300 -19.31 -7.82 10.92
N THR D 301 -19.42 -7.16 9.76
CA THR D 301 -18.55 -6.03 9.36
C THR D 301 -18.82 -4.82 10.26
N LEU D 302 -20.00 -4.74 10.88
CA LEU D 302 -20.32 -3.73 11.93
C LEU D 302 -20.65 -4.50 13.21
N ASP D 303 -19.64 -5.11 13.84
CA ASP D 303 -19.85 -6.23 14.78
C ASP D 303 -20.29 -5.72 16.14
N LYS D 304 -19.61 -4.68 16.66
CA LYS D 304 -19.77 -4.18 18.04
C LYS D 304 -18.39 -4.20 18.70
N GLU D 305 -17.66 -5.31 18.56
CA GLU D 305 -16.21 -5.38 18.88
C GLU D 305 -15.50 -4.94 17.60
N TYR D 306 -14.81 -3.80 17.64
CA TYR D 306 -13.85 -3.42 16.59
C TYR D 306 -12.91 -4.61 16.45
N ASP D 307 -12.52 -4.97 15.23
CA ASP D 307 -11.43 -5.95 14.96
C ASP D 307 -12.03 -7.36 14.74
N VAL D 308 -13.07 -7.75 15.49
CA VAL D 308 -13.99 -8.78 14.96
C VAL D 308 -14.42 -8.27 13.58
N ALA D 309 -14.79 -6.98 13.55
CA ALA D 309 -15.38 -6.28 12.39
C ALA D 309 -14.30 -6.09 11.32
N VAL D 310 -13.07 -5.74 11.71
CA VAL D 310 -11.94 -5.62 10.74
C VAL D 310 -11.85 -6.94 9.97
N GLU D 311 -11.92 -8.07 10.69
CA GLU D 311 -11.77 -9.44 10.17
C GLU D 311 -12.96 -9.76 9.27
N ALA D 312 -14.15 -9.32 9.67
CA ALA D 312 -15.36 -9.46 8.83
C ALA D 312 -15.12 -8.71 7.51
N ILE D 313 -14.58 -7.50 7.58
CA ILE D 313 -14.33 -6.69 6.35
C ILE D 313 -13.20 -7.36 5.55
N ARG D 314 -12.24 -8.04 6.18
CA ARG D 314 -11.16 -8.73 5.42
C ARG D 314 -11.73 -9.98 4.72
N LEU D 315 -12.52 -10.76 5.45
CA LEU D 315 -13.19 -11.98 4.94
C LEU D 315 -14.04 -11.58 3.72
N VAL D 316 -14.89 -10.56 3.87
CA VAL D 316 -15.86 -10.17 2.80
C VAL D 316 -15.07 -9.67 1.58
N THR D 317 -14.01 -8.89 1.77
CA THR D 317 -13.04 -8.52 0.71
C THR D 317 -12.52 -9.79 0.01
N LEU D 318 -12.02 -10.76 0.80
CA LEU D 318 -11.40 -12.02 0.30
C LEU D 318 -12.43 -12.75 -0.54
N ILE D 319 -13.67 -12.77 -0.06
CA ILE D 319 -14.81 -13.47 -0.71
C ILE D 319 -15.06 -12.83 -2.08
N LEU D 320 -15.31 -11.51 -2.09
CA LEU D 320 -15.43 -10.72 -3.35
C LEU D 320 -14.39 -11.22 -4.35
N HIS D 321 -13.11 -11.22 -3.96
CA HIS D 321 -11.94 -11.42 -4.87
C HIS D 321 -12.00 -12.75 -5.65
N GLY D 322 -12.74 -13.78 -5.21
CA GLY D 322 -13.12 -14.91 -6.08
C GLY D 322 -14.57 -14.84 -6.53
#